data_6ADL
#
_entry.id   6ADL
#
_cell.length_a   1.00
_cell.length_b   1.00
_cell.length_c   1.00
_cell.angle_alpha   90.00
_cell.angle_beta   90.00
_cell.angle_gamma   90.00
#
_symmetry.space_group_name_H-M   'P 1'
#
loop_
_entity.id
_entity.type
_entity.pdbx_description
1 polymer VP1
2 polymer VP3
3 polymer VP2
4 polymer 'Anthrax toxin receptor 1'
5 non-polymer 'MAGNESIUM ION'
#
loop_
_entity_poly.entity_id
_entity_poly.type
_entity_poly.pdbx_seq_one_letter_code
_entity_poly.pdbx_strand_id
1 'polypeptide(L)'
;NHTNVKFLFDRSRLLNVIKVLEKDAVFPRPFPTATGTQQDDGYFCLLTPRPTVASRPATRFGLYVSPSDSGVLANTSLDF
NFYSLACFTYFRSDLEVTVVSLEPDLEFAVGWFPSGSEYQASSFVYDQLHVPYHFTGRTPRAFASKGGKVSFVLPWNSVS
SVLPVRWGGASKLSSATRGLPAHADWGTIYAFIPRPNEKKSTAVKHVAVYIRYKNARAWCPSMLPFRSYK
;
A
2 'polypeptide(L)'
;GPIPTAPRENSLMFLSTTPDDTVPAYGNVRTPPVNYLPGEITDLLQLARIPTLMAFGRVPEPEPASDAYVPYVAVPTQFD
DKPLISFPITLSDPVYQNTLVGAISSNFANYRGCIQITLTFCGPMMARGKFLLSYSPPNGTQPQTLSEAMQCTYSIWDIG
LNSSWTFVIPYISPSDYRETRAITNSVYSADGWFSLHKLTKITLPPDCPQSPCILFFASAGEDYTLRLPVDCNPSYVF
;
C
3 'polypeptide(L)'
;VLCAYVEDPTKSDPPSSSTDQPTTTFTAIDRWYTGRLNSWTKAVKTFSFQAVPLPGAFLSRQGGLNGGAFTATLHRHFLM
KCGWQVQVQCNLTQFHQGALLVAMVPETTLDVKPDGKAKSLQELNEEQWVEMSDDYRTGKNMPFQSLGTYYRPPNWTWGP
NFINPYQVTVFPHQILNARTSTSVDINVPYIGETPTQSSETQNSWTLLVMVLVPLDYKEGATTDPEITFSVRPTSPYFNG
LRNRYT
;
B
4 'polypeptide(L)'
;SMACYGGFDLYFILDKSGSVLHHWNEIYYFVEQLAHKFISPQLRMSFIVFSTRGTTLMKLTEDREQIRQGLEELQKVLPG
GDTYMHEGFERASEQIYYENRQGYRTASVIIALTDGELHEDLFFYSEREANRSRDLGAIVYAVGVKDFNETQLARIADSK
DHVFPVNDGFQALQGIIHSILKKSC
;
R
#
loop_
_chem_comp.id
_chem_comp.type
_chem_comp.name
_chem_comp.formula
MG non-polymer 'MAGNESIUM ION' 'Mg 2'
#
# COMPACT_ATOMS: atom_id res chain seq x y z
N ASN A 1 11.22 13.81 24.03
CA ASN A 1 11.72 13.43 22.71
C ASN A 1 11.52 11.94 22.42
N HIS A 2 10.33 11.42 22.74
CA HIS A 2 10.02 10.04 22.38
C HIS A 2 9.54 9.91 20.95
N THR A 3 9.24 11.01 20.27
CA THR A 3 8.94 10.99 18.85
C THR A 3 10.19 11.20 18.01
N ASN A 4 11.35 11.29 18.64
CA ASN A 4 12.61 11.49 17.93
C ASN A 4 12.89 10.30 17.03
N VAL A 5 13.25 10.57 15.77
CA VAL A 5 13.43 9.50 14.80
C VAL A 5 14.65 8.65 15.15
N LYS A 6 15.68 9.29 15.69
CA LYS A 6 16.85 8.56 16.15
C LYS A 6 16.55 7.75 17.40
N PHE A 7 15.51 8.11 18.16
CA PHE A 7 15.10 7.38 19.35
C PHE A 7 14.03 6.34 19.07
N LEU A 8 13.16 6.58 18.08
CA LEU A 8 11.98 5.73 17.92
C LEU A 8 12.33 4.41 17.25
N PHE A 9 13.18 4.43 16.23
CA PHE A 9 13.53 3.21 15.53
C PHE A 9 14.75 2.53 16.12
N ASP A 10 15.22 2.99 17.28
CA ASP A 10 16.42 2.47 17.91
C ASP A 10 16.09 1.37 18.93
N ARG A 11 15.33 0.37 18.49
CA ARG A 11 14.88 -0.68 19.41
C ARG A 11 14.64 -1.96 18.62
N SER A 12 14.80 -3.08 19.31
CA SER A 12 14.83 -4.38 18.66
C SER A 12 13.42 -4.88 18.36
N ARG A 13 13.26 -5.50 17.20
CA ARG A 13 11.98 -6.05 16.79
C ARG A 13 12.21 -7.18 15.81
N LEU A 14 11.20 -8.03 15.68
CA LEU A 14 11.32 -9.24 14.89
C LEU A 14 11.26 -8.92 13.40
N LEU A 15 12.05 -9.65 12.61
CA LEU A 15 11.99 -9.54 11.16
C LEU A 15 11.54 -10.82 10.50
N ASN A 16 12.21 -11.95 10.77
CA ASN A 16 11.93 -13.18 10.05
C ASN A 16 12.34 -14.35 10.93
N VAL A 17 11.69 -15.48 10.72
CA VAL A 17 12.01 -16.74 11.38
C VAL A 17 12.55 -17.67 10.30
N ILE A 18 13.86 -17.77 10.20
CA ILE A 18 14.49 -18.50 9.12
C ILE A 18 14.98 -19.84 9.64
N LYS A 19 15.10 -20.80 8.72
CA LYS A 19 15.55 -22.14 9.04
C LYS A 19 17.07 -22.19 9.04
N VAL A 20 17.63 -23.08 9.84
CA VAL A 20 19.07 -23.14 10.04
C VAL A 20 19.66 -24.15 9.07
N LEU A 21 20.72 -23.75 8.36
CA LEU A 21 21.36 -24.62 7.39
C LEU A 21 22.08 -25.76 8.07
N GLU A 22 22.04 -26.93 7.43
CA GLU A 22 22.80 -28.09 7.89
C GLU A 22 23.64 -28.70 6.79
N LYS A 23 23.81 -28.01 5.66
CA LYS A 23 24.66 -28.46 4.57
C LYS A 23 25.10 -27.23 3.78
N ASP A 24 25.85 -27.47 2.71
CA ASP A 24 26.20 -26.38 1.80
C ASP A 24 24.97 -25.94 1.02
N ALA A 25 24.60 -24.68 1.17
CA ALA A 25 23.33 -24.23 0.65
C ALA A 25 23.39 -24.00 -0.85
N VAL A 26 22.21 -23.97 -1.47
CA VAL A 26 22.01 -23.43 -2.80
C VAL A 26 21.16 -22.18 -2.63
N PHE A 27 21.73 -21.04 -2.98
CA PHE A 27 21.03 -19.77 -2.82
C PHE A 27 19.84 -19.73 -3.76
N PRO A 28 18.70 -19.16 -3.34
CA PRO A 28 17.50 -19.18 -4.18
C PRO A 28 17.67 -18.44 -5.49
N ARG A 29 17.38 -19.15 -6.58
CA ARG A 29 17.60 -18.65 -7.92
C ARG A 29 16.63 -17.50 -8.22
N PRO A 30 17.05 -16.51 -9.01
CA PRO A 30 16.24 -15.29 -9.16
C PRO A 30 14.97 -15.53 -9.96
N PHE A 31 14.06 -14.57 -9.84
CA PHE A 31 12.71 -14.72 -10.35
C PHE A 31 12.67 -14.46 -11.86
N PRO A 32 11.87 -15.24 -12.62
CA PRO A 32 11.02 -16.36 -12.17
C PRO A 32 11.78 -17.67 -12.01
N THR A 33 11.29 -18.52 -11.12
CA THR A 33 11.90 -19.81 -10.85
C THR A 33 10.97 -20.90 -11.36
N ALA A 34 11.46 -21.70 -12.30
CA ALA A 34 10.68 -22.82 -12.79
C ALA A 34 10.72 -23.97 -11.80
N THR A 35 9.79 -24.91 -11.97
CA THR A 35 9.76 -26.09 -11.10
C THR A 35 10.96 -26.99 -11.35
N GLY A 36 11.21 -27.87 -10.39
CA GLY A 36 12.28 -28.82 -10.50
C GLY A 36 13.66 -28.28 -10.18
N THR A 37 13.79 -26.99 -9.92
CA THR A 37 15.07 -26.43 -9.49
C THR A 37 15.36 -26.87 -8.08
N GLN A 38 16.38 -27.70 -7.91
CA GLN A 38 16.82 -28.08 -6.57
C GLN A 38 17.54 -26.91 -5.94
N GLN A 39 16.97 -26.39 -4.85
CA GLN A 39 17.58 -25.28 -4.13
C GLN A 39 17.17 -25.37 -2.67
N ASP A 40 17.62 -24.41 -1.88
CA ASP A 40 17.33 -24.35 -0.46
C ASP A 40 16.55 -23.07 -0.18
N ASP A 41 15.31 -23.23 0.27
CA ASP A 41 14.35 -22.15 0.36
C ASP A 41 14.17 -21.67 1.80
N GLY A 42 14.08 -20.36 1.96
CA GLY A 42 13.74 -19.78 3.24
C GLY A 42 14.83 -19.80 4.29
N TYR A 43 16.05 -20.18 3.94
CA TYR A 43 17.15 -20.22 4.89
C TYR A 43 17.86 -18.89 5.04
N PHE A 44 17.48 -17.87 4.27
CA PHE A 44 18.21 -16.61 4.21
C PHE A 44 17.28 -15.47 4.58
N CYS A 45 17.79 -14.55 5.39
CA CYS A 45 17.03 -13.42 5.91
C CYS A 45 17.56 -12.15 5.28
N LEU A 46 16.88 -11.66 4.24
CA LEU A 46 17.27 -10.42 3.58
C LEU A 46 16.91 -9.25 4.48
N LEU A 47 17.94 -8.64 5.09
CA LEU A 47 17.77 -7.69 6.18
C LEU A 47 17.27 -6.34 5.66
N THR A 48 15.94 -6.22 5.55
CA THR A 48 15.32 -5.02 5.01
C THR A 48 13.93 -4.90 5.60
N PRO A 49 13.52 -3.71 6.02
CA PRO A 49 12.11 -3.51 6.41
C PRO A 49 11.14 -3.64 5.26
N ARG A 50 11.58 -3.45 4.01
CA ARG A 50 10.70 -3.62 2.84
C ARG A 50 10.26 -5.08 2.72
N PRO A 51 9.16 -5.34 2.02
CA PRO A 51 8.70 -6.72 1.87
C PRO A 51 9.65 -7.55 1.01
N THR A 52 9.81 -8.81 1.40
CA THR A 52 10.66 -9.75 0.70
C THR A 52 9.83 -10.97 0.30
N VAL A 53 10.37 -11.73 -0.65
CA VAL A 53 9.87 -13.06 -0.97
C VAL A 53 11.04 -13.88 -1.46
N ALA A 54 11.19 -15.10 -0.90
CA ALA A 54 12.25 -16.06 -1.23
C ALA A 54 13.63 -15.45 -1.05
N SER A 55 13.79 -14.66 0.03
CA SER A 55 15.05 -14.01 0.42
C SER A 55 15.58 -13.06 -0.63
N ARG A 56 14.67 -12.40 -1.35
CA ARG A 56 14.98 -11.44 -2.39
C ARG A 56 14.00 -10.28 -2.23
N PRO A 57 14.38 -9.05 -2.61
CA PRO A 57 13.49 -7.91 -2.37
C PRO A 57 12.24 -7.99 -3.23
N ALA A 58 11.10 -7.72 -2.62
CA ALA A 58 9.82 -7.85 -3.28
C ALA A 58 9.16 -6.49 -3.43
N THR A 59 8.25 -6.42 -4.38
CA THR A 59 7.45 -5.23 -4.56
C THR A 59 6.38 -5.14 -3.48
N ARG A 60 5.48 -6.11 -3.45
CA ARG A 60 4.39 -6.14 -2.49
C ARG A 60 4.75 -7.06 -1.34
N PHE A 61 3.90 -7.05 -0.32
CA PHE A 61 3.96 -8.05 0.74
C PHE A 61 2.83 -9.04 0.56
N GLY A 62 3.14 -10.32 0.74
CA GLY A 62 2.11 -11.32 0.60
C GLY A 62 2.26 -12.47 1.55
N LEU A 63 1.23 -12.73 2.33
CA LEU A 63 1.18 -13.88 3.20
C LEU A 63 0.28 -14.94 2.57
N TYR A 64 0.09 -16.03 3.28
CA TYR A 64 -0.73 -17.13 2.81
C TYR A 64 -1.98 -17.26 3.67
N VAL A 65 -3.12 -17.47 3.02
CA VAL A 65 -4.40 -17.61 3.71
C VAL A 65 -4.80 -19.07 3.82
N SER A 66 -4.77 -19.80 2.71
CA SER A 66 -5.03 -21.23 2.70
C SER A 66 -3.85 -21.92 2.05
N PRO A 67 -2.79 -22.19 2.81
CA PRO A 67 -1.58 -22.77 2.22
C PRO A 67 -1.72 -24.25 1.89
N SER A 68 -2.24 -24.56 0.70
CA SER A 68 -2.42 -25.94 0.28
C SER A 68 -1.08 -26.55 -0.13
N ASP A 69 -1.11 -27.77 -0.65
CA ASP A 69 0.09 -28.58 -0.79
C ASP A 69 0.90 -28.25 -2.04
N SER A 70 0.24 -27.88 -3.15
CA SER A 70 0.94 -27.73 -4.42
C SER A 70 1.79 -26.47 -4.41
N GLY A 71 3.06 -26.61 -4.74
CA GLY A 71 3.99 -25.50 -4.76
C GLY A 71 4.81 -25.43 -3.50
N VAL A 72 5.87 -24.63 -3.58
CA VAL A 72 6.77 -24.38 -2.45
C VAL A 72 6.40 -23.04 -1.84
N LEU A 73 6.06 -23.06 -0.55
CA LEU A 73 5.73 -21.84 0.15
C LEU A 73 6.98 -20.98 0.31
N ALA A 74 6.79 -19.66 0.38
CA ALA A 74 7.90 -18.72 0.33
C ALA A 74 7.93 -17.88 1.59
N ASN A 75 9.12 -17.75 2.19
CA ASN A 75 9.31 -16.97 3.42
C ASN A 75 9.24 -15.49 3.09
N THR A 76 8.09 -14.88 3.37
CA THR A 76 7.88 -13.46 3.11
C THR A 76 7.99 -12.71 4.43
N SER A 77 8.89 -11.73 4.49
CA SER A 77 9.16 -10.98 5.69
C SER A 77 8.78 -9.52 5.50
N LEU A 78 8.48 -8.86 6.62
CA LEU A 78 8.10 -7.46 6.64
C LEU A 78 8.31 -6.97 8.05
N ASP A 79 8.61 -5.69 8.18
CA ASP A 79 8.83 -5.08 9.48
C ASP A 79 7.53 -4.35 9.83
N PHE A 80 6.66 -5.04 10.60
CA PHE A 80 5.33 -4.51 10.89
C PHE A 80 5.40 -3.28 11.77
N ASN A 81 6.37 -3.24 12.69
CA ASN A 81 6.53 -2.12 13.60
C ASN A 81 7.21 -0.92 12.97
N PHE A 82 7.63 -1.05 11.71
CA PHE A 82 8.32 0.02 11.00
C PHE A 82 7.34 0.87 10.19
N TYR A 83 6.63 0.23 9.25
CA TYR A 83 5.81 0.94 8.30
C TYR A 83 4.62 1.64 8.93
N SER A 84 4.14 1.14 10.06
CA SER A 84 3.08 1.84 10.78
C SER A 84 3.57 3.14 11.40
N LEU A 85 4.88 3.28 11.61
CA LEU A 85 5.49 4.52 12.06
C LEU A 85 6.49 5.08 11.05
N ALA A 86 6.46 4.60 9.82
CA ALA A 86 7.33 5.13 8.77
C ALA A 86 6.53 6.08 7.92
N CYS A 87 6.38 7.31 8.42
CA CYS A 87 5.77 8.40 7.67
C CYS A 87 6.81 9.19 6.89
N PHE A 88 7.66 8.47 6.15
CA PHE A 88 8.72 9.09 5.39
C PHE A 88 9.08 8.21 4.20
N THR A 89 9.96 8.74 3.36
CA THR A 89 10.32 8.10 2.10
C THR A 89 11.68 7.43 2.15
N TYR A 90 12.67 8.07 2.78
CA TYR A 90 14.02 7.52 2.79
C TYR A 90 14.49 7.35 4.22
N PHE A 91 15.39 6.38 4.41
CA PHE A 91 15.74 5.95 5.77
C PHE A 91 17.12 5.29 5.74
N ARG A 92 18.15 6.01 6.17
CA ARG A 92 19.48 5.44 6.31
C ARG A 92 19.80 5.25 7.78
N SER A 93 20.22 4.05 8.14
CA SER A 93 20.56 3.73 9.52
C SER A 93 21.51 2.56 9.53
N ASP A 94 22.21 2.39 10.63
CA ASP A 94 23.12 1.26 10.79
C ASP A 94 22.40 0.15 11.53
N LEU A 95 22.39 -1.03 10.95
CA LEU A 95 21.55 -2.11 11.46
C LEU A 95 22.26 -2.82 12.59
N GLU A 96 21.49 -3.23 13.59
CA GLU A 96 21.98 -4.08 14.67
C GLU A 96 21.16 -5.36 14.69
N VAL A 97 21.81 -6.47 14.37
CA VAL A 97 21.14 -7.74 14.18
C VAL A 97 21.33 -8.58 15.43
N THR A 98 20.24 -9.19 15.91
CA THR A 98 20.33 -10.15 17.00
C THR A 98 19.58 -11.41 16.60
N VAL A 99 20.24 -12.55 16.70
CA VAL A 99 19.71 -13.81 16.18
C VAL A 99 19.43 -14.70 17.39
N VAL A 100 18.17 -14.82 17.75
CA VAL A 100 17.73 -15.59 18.93
C VAL A 100 17.29 -16.96 18.47
N SER A 101 17.75 -18.00 19.14
CA SER A 101 17.40 -19.37 18.77
C SER A 101 15.99 -19.72 19.19
N LEU A 102 15.31 -20.49 18.35
CA LEU A 102 13.99 -21.03 18.65
C LEU A 102 14.05 -22.54 18.73
N GLU A 103 15.15 -23.05 19.29
CA GLU A 103 15.37 -24.46 19.44
C GLU A 103 16.06 -24.62 20.80
N PRO A 104 15.61 -25.56 21.63
CA PRO A 104 16.18 -25.70 22.98
C PRO A 104 17.62 -26.21 22.94
N ASP A 105 18.54 -25.39 23.46
CA ASP A 105 19.98 -25.65 23.51
C ASP A 105 20.55 -25.93 22.13
N LEU A 106 20.47 -24.92 21.27
CA LEU A 106 21.01 -24.99 19.92
C LEU A 106 22.36 -24.28 19.88
N GLU A 107 23.33 -24.92 19.24
CA GLU A 107 24.59 -24.27 18.89
C GLU A 107 24.52 -23.95 17.41
N PHE A 108 24.29 -22.69 17.08
CA PHE A 108 24.19 -22.25 15.71
C PHE A 108 25.32 -21.25 15.44
N ALA A 109 25.29 -20.65 14.25
CA ALA A 109 26.29 -19.69 13.83
C ALA A 109 25.72 -18.88 12.68
N VAL A 110 26.00 -17.59 12.66
CA VAL A 110 25.30 -16.66 11.78
C VAL A 110 26.29 -16.11 10.77
N GLY A 111 26.08 -16.44 9.50
CA GLY A 111 26.83 -15.84 8.42
C GLY A 111 26.25 -14.50 8.04
N TRP A 112 26.88 -13.88 7.04
CA TRP A 112 26.49 -12.59 6.50
C TRP A 112 27.26 -12.36 5.22
N PHE A 113 26.65 -11.62 4.29
CA PHE A 113 27.37 -11.15 3.11
C PHE A 113 26.71 -9.85 2.66
N PRO A 114 27.50 -8.87 2.22
CA PRO A 114 26.99 -7.49 2.11
C PRO A 114 25.96 -7.26 1.01
N SER A 115 25.49 -6.03 0.92
CA SER A 115 24.50 -5.63 -0.08
C SER A 115 25.15 -5.63 -1.46
N GLY A 116 24.73 -6.55 -2.31
CA GLY A 116 25.29 -6.70 -3.63
C GLY A 116 26.14 -7.94 -3.80
N SER A 117 26.71 -8.46 -2.72
CA SER A 117 27.49 -9.69 -2.81
C SER A 117 26.55 -10.90 -2.80
N GLU A 118 27.13 -12.09 -2.78
CA GLU A 118 26.37 -13.30 -2.93
C GLU A 118 26.94 -14.39 -2.03
N TYR A 119 26.09 -15.38 -1.74
CA TYR A 119 26.49 -16.51 -0.92
C TYR A 119 27.49 -17.38 -1.66
N GLN A 120 28.50 -17.86 -0.94
CA GLN A 120 29.48 -18.78 -1.50
C GLN A 120 28.97 -20.20 -1.29
N ALA A 121 28.62 -20.88 -2.38
CA ALA A 121 27.81 -22.09 -2.33
C ALA A 121 28.56 -23.27 -2.92
N SER A 122 29.40 -23.89 -2.10
CA SER A 122 30.10 -25.13 -2.43
C SER A 122 30.60 -25.74 -1.13
N SER A 123 31.48 -26.73 -1.24
CA SER A 123 32.06 -27.36 -0.07
C SER A 123 33.44 -27.90 -0.41
N PHE A 124 34.37 -27.76 0.53
CA PHE A 124 35.69 -28.34 0.40
C PHE A 124 35.81 -29.53 1.33
N VAL A 125 36.55 -30.55 0.91
CA VAL A 125 36.61 -31.82 1.63
C VAL A 125 37.79 -31.73 2.58
N TYR A 126 37.51 -31.33 3.82
CA TYR A 126 38.51 -31.34 4.88
C TYR A 126 38.39 -32.65 5.66
N ASP A 127 39.44 -33.48 5.59
CA ASP A 127 39.59 -34.72 6.37
C ASP A 127 38.44 -35.69 6.10
N GLN A 128 38.11 -35.84 4.81
CA GLN A 128 36.99 -36.65 4.31
C GLN A 128 35.65 -36.24 4.92
N LEU A 129 35.50 -34.95 5.21
CA LEU A 129 34.24 -34.37 5.66
C LEU A 129 33.94 -33.17 4.78
N HIS A 130 32.72 -33.10 4.28
CA HIS A 130 32.32 -31.95 3.46
C HIS A 130 32.07 -30.77 4.38
N VAL A 131 33.11 -29.96 4.54
CA VAL A 131 33.00 -28.66 5.21
C VAL A 131 32.62 -27.63 4.16
N PRO A 132 31.50 -26.93 4.31
CA PRO A 132 31.09 -25.98 3.28
C PRO A 132 31.92 -24.70 3.32
N TYR A 133 31.77 -23.89 2.28
CA TYR A 133 32.51 -22.64 2.16
C TYR A 133 31.83 -21.47 2.84
N HIS A 134 30.86 -21.71 3.71
CA HIS A 134 30.37 -20.61 4.55
C HIS A 134 30.90 -20.69 5.98
N PHE A 135 31.81 -21.61 6.26
CA PHE A 135 32.56 -21.52 7.52
C PHE A 135 33.68 -20.49 7.42
N THR A 136 34.15 -20.20 6.21
CA THR A 136 35.24 -19.27 6.00
C THR A 136 34.76 -18.07 5.20
N GLY A 137 35.61 -17.05 5.14
CA GLY A 137 35.29 -15.85 4.40
C GLY A 137 35.77 -14.59 5.08
N ARG A 138 35.80 -13.49 4.36
CA ARG A 138 36.19 -12.21 4.91
C ARG A 138 35.03 -11.47 5.57
N THR A 139 33.83 -12.01 5.49
CA THR A 139 32.65 -11.43 6.09
C THR A 139 32.41 -12.04 7.47
N PRO A 140 31.72 -11.32 8.37
CA PRO A 140 31.48 -11.86 9.72
C PRO A 140 30.64 -13.12 9.79
N ARG A 141 31.26 -14.22 10.19
CA ARG A 141 30.58 -15.45 10.58
C ARG A 141 30.70 -15.55 12.10
N ALA A 142 29.77 -14.93 12.82
CA ALA A 142 29.80 -14.99 14.26
C ALA A 142 29.33 -16.35 14.73
N PHE A 143 29.97 -16.88 15.77
CA PHE A 143 29.65 -18.19 16.31
C PHE A 143 28.94 -18.04 17.65
N ALA A 144 27.87 -18.80 17.85
CA ALA A 144 27.14 -18.78 19.10
C ALA A 144 27.60 -19.90 20.01
N SER A 145 27.48 -19.68 21.31
CA SER A 145 27.67 -20.75 22.28
C SER A 145 26.45 -21.66 22.29
N LYS A 146 26.55 -22.76 23.03
CA LYS A 146 25.45 -23.72 23.11
C LYS A 146 24.34 -23.10 23.93
N GLY A 147 23.34 -22.56 23.26
CA GLY A 147 22.26 -21.86 23.91
C GLY A 147 22.43 -20.36 24.02
N GLY A 148 23.22 -19.76 23.13
CA GLY A 148 23.52 -18.35 23.19
C GLY A 148 22.91 -17.57 22.04
N LYS A 149 23.23 -16.28 22.02
CA LYS A 149 22.61 -15.33 21.11
C LYS A 149 23.69 -14.54 20.38
N VAL A 150 23.54 -14.43 19.07
CA VAL A 150 24.48 -13.75 18.21
C VAL A 150 24.01 -12.32 18.02
N SER A 151 24.90 -11.35 18.28
CA SER A 151 24.54 -9.96 18.16
C SER A 151 25.71 -9.15 17.64
N PHE A 152 25.46 -8.34 16.62
CA PHE A 152 26.46 -7.44 16.07
C PHE A 152 25.76 -6.31 15.33
N VAL A 153 26.46 -5.18 15.22
CA VAL A 153 25.94 -4.02 14.50
C VAL A 153 26.64 -3.91 13.15
N LEU A 154 25.86 -3.94 12.08
CA LEU A 154 26.20 -3.86 10.66
C LEU A 154 26.09 -2.42 10.18
N PRO A 155 26.99 -1.98 9.31
CA PRO A 155 26.95 -0.61 8.82
C PRO A 155 26.04 -0.48 7.61
N TRP A 156 25.77 0.77 7.23
CA TRP A 156 25.06 1.01 5.98
C TRP A 156 25.99 0.72 4.82
N ASN A 157 25.92 -0.50 4.31
CA ASN A 157 26.87 -1.01 3.35
C ASN A 157 26.47 -0.81 1.90
N SER A 158 25.19 -0.55 1.64
CA SER A 158 24.67 -0.61 0.28
C SER A 158 25.17 0.54 -0.56
N VAL A 159 25.07 0.38 -1.87
CA VAL A 159 25.56 1.40 -2.79
C VAL A 159 24.56 2.52 -2.98
N SER A 160 23.29 2.31 -2.60
CA SER A 160 22.36 3.43 -2.53
C SER A 160 22.77 4.33 -1.37
N SER A 161 22.47 5.62 -1.52
CA SER A 161 22.76 6.53 -0.42
C SER A 161 21.81 6.30 0.75
N VAL A 162 20.54 6.04 0.47
CA VAL A 162 19.51 5.79 1.48
C VAL A 162 18.67 4.60 1.05
N LEU A 163 17.88 4.08 1.97
CA LEU A 163 16.94 3.02 1.66
C LEU A 163 15.58 3.64 1.36
N PRO A 164 15.05 3.48 0.16
CA PRO A 164 13.70 4.00 -0.11
C PRO A 164 12.62 3.18 0.55
N VAL A 165 11.97 3.79 1.55
CA VAL A 165 10.76 3.20 2.14
C VAL A 165 9.67 3.14 1.08
N ARG A 166 9.55 4.17 0.27
CA ARG A 166 8.67 4.19 -0.89
C ARG A 166 9.52 4.47 -2.12
N TRP A 167 9.39 3.65 -3.15
CA TRP A 167 10.18 3.85 -4.35
C TRP A 167 9.29 3.67 -5.57
N GLY A 168 9.50 4.52 -6.57
CA GLY A 168 8.60 4.54 -7.72
C GLY A 168 9.27 4.29 -9.05
N GLY A 169 10.61 4.26 -9.07
CA GLY A 169 11.32 4.04 -10.31
C GLY A 169 11.34 2.60 -10.78
N ALA A 170 12.32 2.26 -11.60
CA ALA A 170 12.52 0.89 -12.08
C ALA A 170 14.00 0.56 -12.02
N SER A 171 14.33 -0.52 -11.31
CA SER A 171 15.72 -0.91 -11.11
C SER A 171 16.32 -1.45 -12.39
N LYS A 172 15.68 -2.48 -12.94
CA LYS A 172 15.95 -2.96 -14.30
C LYS A 172 14.97 -2.21 -15.20
N LEU A 173 14.80 -2.68 -16.43
CA LEU A 173 13.81 -2.08 -17.31
C LEU A 173 12.39 -2.38 -16.83
N SER A 174 11.39 -1.76 -17.47
CA SER A 174 10.02 -1.72 -16.95
C SER A 174 9.28 -3.02 -17.18
N SER A 175 7.94 -2.97 -17.10
CA SER A 175 7.04 -4.13 -17.14
C SER A 175 7.32 -5.07 -15.98
N ALA A 176 6.84 -4.66 -14.79
CA ALA A 176 6.83 -5.35 -13.50
C ALA A 176 8.17 -5.30 -12.77
N THR A 177 8.94 -4.24 -13.02
CA THR A 177 10.05 -3.90 -12.15
C THR A 177 9.85 -2.48 -11.61
N ARG A 178 8.62 -1.98 -11.68
CA ARG A 178 8.31 -0.69 -11.09
C ARG A 178 8.16 -0.83 -9.58
N GLY A 179 8.78 0.08 -8.86
CA GLY A 179 8.68 0.07 -7.41
C GLY A 179 9.43 -1.05 -6.75
N LEU A 180 10.54 -1.48 -7.34
CA LEU A 180 11.32 -2.59 -6.83
C LEU A 180 12.77 -2.16 -6.74
N PRO A 181 13.20 -1.62 -5.60
CA PRO A 181 14.59 -1.19 -5.46
C PRO A 181 15.52 -2.39 -5.35
N ALA A 182 16.69 -2.28 -5.97
CA ALA A 182 17.60 -3.40 -6.02
C ALA A 182 18.61 -3.40 -4.89
N HIS A 183 19.09 -2.22 -4.49
CA HIS A 183 20.17 -2.10 -3.54
C HIS A 183 19.69 -1.47 -2.23
N ALA A 184 18.51 -1.88 -1.77
CA ALA A 184 17.96 -1.41 -0.51
C ALA A 184 17.97 -2.60 0.45
N ASP A 185 19.10 -2.81 1.11
CA ASP A 185 19.33 -3.90 2.06
C ASP A 185 20.63 -3.66 2.80
N TRP A 186 20.68 -4.09 4.05
CA TRP A 186 21.94 -4.13 4.78
C TRP A 186 22.72 -5.42 4.52
N GLY A 187 22.21 -6.30 3.68
CA GLY A 187 22.82 -7.56 3.38
C GLY A 187 21.86 -8.69 3.63
N THR A 188 22.41 -9.87 3.90
CA THR A 188 21.59 -11.05 4.14
C THR A 188 22.33 -11.89 5.17
N ILE A 189 21.60 -12.47 6.13
CA ILE A 189 22.19 -13.41 7.06
C ILE A 189 21.51 -14.76 6.89
N TYR A 190 22.06 -15.74 7.58
CA TYR A 190 21.68 -17.14 7.50
C TYR A 190 22.31 -17.87 8.66
N ALA A 191 21.60 -18.81 9.24
CA ALA A 191 22.13 -19.58 10.35
C ALA A 191 22.57 -20.95 9.88
N PHE A 192 23.68 -21.43 10.43
CA PHE A 192 24.19 -22.74 10.09
C PHE A 192 24.75 -23.40 11.34
N ILE A 193 24.45 -24.69 11.50
CA ILE A 193 24.99 -25.45 12.61
C ILE A 193 26.45 -25.78 12.29
N PRO A 194 27.41 -25.40 13.12
CA PRO A 194 28.84 -25.55 12.77
C PRO A 194 29.35 -26.98 12.88
N ARG A 195 28.73 -27.88 12.14
CA ARG A 195 29.18 -29.25 11.97
C ARG A 195 29.20 -29.57 10.48
N PRO A 196 30.08 -30.47 10.04
CA PRO A 196 30.12 -30.81 8.62
C PRO A 196 28.90 -31.58 8.16
N ASN A 197 28.84 -31.80 6.84
CA ASN A 197 27.59 -32.23 6.21
C ASN A 197 27.24 -33.69 6.46
N GLU A 198 28.21 -34.52 6.83
CA GLU A 198 27.89 -35.88 7.20
C GLU A 198 27.20 -35.97 8.56
N LYS A 199 27.27 -34.91 9.37
CA LYS A 199 26.52 -34.84 10.61
C LYS A 199 25.24 -34.02 10.45
N LYS A 200 24.67 -34.00 9.26
CA LYS A 200 23.38 -33.38 9.03
C LYS A 200 22.29 -34.19 9.71
N SER A 201 21.50 -33.53 10.55
CA SER A 201 20.45 -34.20 11.29
C SER A 201 19.19 -34.28 10.41
N THR A 202 18.07 -34.68 11.02
CA THR A 202 16.82 -34.85 10.30
C THR A 202 15.81 -33.76 10.64
N ALA A 203 15.84 -33.23 11.87
CA ALA A 203 14.94 -32.17 12.27
C ALA A 203 15.27 -30.88 11.51
N VAL A 204 14.27 -29.99 11.45
CA VAL A 204 14.41 -28.74 10.72
C VAL A 204 14.39 -27.60 11.73
N LYS A 205 15.56 -27.14 12.13
CA LYS A 205 15.68 -26.21 13.24
C LYS A 205 15.52 -24.78 12.75
N HIS A 206 14.64 -24.03 13.42
CA HIS A 206 14.39 -22.64 13.07
C HIS A 206 15.25 -21.73 13.93
N VAL A 207 15.27 -20.45 13.55
CA VAL A 207 15.94 -19.42 14.34
C VAL A 207 15.26 -18.11 13.99
N ALA A 208 15.34 -17.13 14.89
CA ALA A 208 14.63 -15.86 14.73
C ALA A 208 15.63 -14.74 14.63
N VAL A 209 15.33 -13.75 13.80
CA VAL A 209 16.23 -12.66 13.48
C VAL A 209 15.61 -11.35 13.96
N TYR A 210 16.26 -10.70 14.92
CA TYR A 210 15.82 -9.39 15.38
C TYR A 210 16.63 -8.30 14.68
N ILE A 211 16.16 -7.06 14.82
CA ILE A 211 16.71 -5.90 14.11
C ILE A 211 16.58 -4.67 15.00
N ARG A 212 17.67 -3.94 15.15
CA ARG A 212 17.65 -2.60 15.74
C ARG A 212 18.32 -1.63 14.79
N TYR A 213 17.69 -0.50 14.53
CA TYR A 213 18.22 0.50 13.61
C TYR A 213 18.99 1.54 14.41
N LYS A 214 20.30 1.34 14.52
CA LYS A 214 21.14 2.34 15.19
C LYS A 214 21.31 3.56 14.30
N ASN A 215 21.24 4.74 14.92
CA ASN A 215 21.43 6.05 14.29
C ASN A 215 20.48 6.25 13.11
N ALA A 216 19.19 6.21 13.40
CA ALA A 216 18.18 6.33 12.36
C ALA A 216 18.12 7.76 11.84
N ARG A 217 18.05 7.91 10.52
CA ARG A 217 17.87 9.21 9.89
C ARG A 217 16.81 9.06 8.81
N ALA A 218 15.78 9.88 8.85
CA ALA A 218 14.67 9.77 7.92
C ALA A 218 14.47 11.08 7.16
N TRP A 219 14.11 10.96 5.89
CA TRP A 219 13.94 12.11 5.00
C TRP A 219 12.57 12.05 4.34
N CYS A 220 12.16 13.19 3.75
CA CYS A 220 11.03 13.34 2.84
C CYS A 220 9.70 12.83 3.41
N PRO A 221 9.02 13.64 4.23
CA PRO A 221 7.74 13.23 4.85
C PRO A 221 6.69 12.67 3.89
N SER A 222 6.15 11.52 4.25
CA SER A 222 5.18 10.82 3.42
C SER A 222 4.14 10.17 4.32
N MET A 223 3.33 9.29 3.72
CA MET A 223 2.11 8.78 4.33
C MET A 223 2.39 7.65 5.31
N LEU A 224 1.34 7.20 5.98
CA LEU A 224 1.21 6.07 6.87
C LEU A 224 0.13 5.13 6.32
N PRO A 225 0.19 3.82 6.60
CA PRO A 225 -0.71 2.89 5.92
C PRO A 225 -2.16 3.02 6.34
N PHE A 226 -3.03 2.65 5.42
CA PHE A 226 -4.46 2.88 5.55
C PHE A 226 -5.06 1.89 6.54
N ARG A 227 -5.70 2.41 7.57
CA ARG A 227 -6.42 1.61 8.55
C ARG A 227 -7.86 1.46 8.09
N SER A 228 -8.35 0.22 8.09
CA SER A 228 -9.69 -0.04 7.62
C SER A 228 -10.73 0.45 8.62
N TYR A 229 -12.00 0.41 8.22
CA TYR A 229 -13.11 0.81 9.07
C TYR A 229 -14.07 -0.33 9.29
N LYS A 230 -13.54 -1.52 9.58
CA LYS A 230 -14.35 -2.67 9.89
C LYS A 230 -13.95 -3.26 11.23
N GLY B 1 46.55 -8.48 37.81
CA GLY B 1 45.89 -9.73 37.47
C GLY B 1 44.50 -9.52 36.90
N PRO B 2 43.64 -10.53 37.02
CA PRO B 2 42.26 -10.37 36.59
C PRO B 2 41.50 -9.43 37.51
N ILE B 3 40.62 -8.63 36.92
CA ILE B 3 39.74 -7.76 37.69
C ILE B 3 38.59 -8.61 38.20
N PRO B 4 38.40 -8.73 39.51
CA PRO B 4 37.33 -9.61 40.02
C PRO B 4 35.94 -9.02 39.84
N THR B 5 35.19 -9.55 38.90
CA THR B 5 33.86 -9.05 38.59
C THR B 5 32.81 -10.04 39.04
N ALA B 6 31.75 -9.53 39.66
CA ALA B 6 30.62 -10.34 40.07
C ALA B 6 29.47 -10.06 39.11
N PRO B 7 29.13 -10.99 38.23
CA PRO B 7 28.06 -10.71 37.25
C PRO B 7 26.69 -10.71 37.90
N ARG B 8 25.81 -9.87 37.36
CA ARG B 8 24.52 -9.63 38.00
C ARG B 8 23.53 -10.73 37.64
N GLU B 9 22.30 -10.56 38.15
CA GLU B 9 21.26 -11.56 37.98
C GLU B 9 20.67 -11.60 36.57
N ASN B 10 20.85 -10.53 35.79
CA ASN B 10 20.36 -10.47 34.42
C ASN B 10 21.47 -10.75 33.41
N SER B 11 22.39 -11.63 33.74
CA SER B 11 23.48 -11.95 32.83
C SER B 11 22.97 -12.80 31.67
N LEU B 12 23.58 -12.58 30.50
CA LEU B 12 23.28 -13.26 29.24
C LEU B 12 21.81 -13.08 28.84
N MET B 13 21.28 -11.90 29.12
CA MET B 13 19.90 -11.54 28.81
C MET B 13 19.91 -10.54 27.67
N PHE B 14 19.36 -10.92 26.53
CA PHE B 14 19.12 -9.96 25.46
C PHE B 14 17.79 -9.27 25.72
N LEU B 15 17.85 -8.02 26.15
CA LEU B 15 16.67 -7.20 26.28
C LEU B 15 16.54 -6.36 25.02
N SER B 16 15.31 -6.16 24.57
CA SER B 16 15.10 -5.56 23.24
C SER B 16 15.46 -4.09 23.23
N THR B 17 15.02 -3.34 24.24
CA THR B 17 15.19 -1.89 24.27
C THR B 17 16.32 -1.46 25.19
N THR B 18 17.41 -2.23 25.23
CA THR B 18 18.58 -1.84 26.02
C THR B 18 19.23 -0.61 25.41
N PRO B 19 19.38 0.47 26.16
CA PRO B 19 19.92 1.72 25.60
C PRO B 19 21.45 1.73 25.51
N ASP B 20 22.00 0.78 24.76
CA ASP B 20 23.44 0.64 24.66
C ASP B 20 23.79 -0.10 23.38
N ASP B 21 25.03 0.04 22.95
CA ASP B 21 25.50 -0.45 21.66
C ASP B 21 25.81 -1.95 21.76
N THR B 22 26.48 -2.47 20.72
CA THR B 22 26.96 -3.84 20.71
C THR B 22 28.26 -3.87 19.91
N VAL B 23 28.81 -5.06 19.73
CA VAL B 23 30.11 -5.21 19.08
C VAL B 23 29.99 -4.95 17.58
N PRO B 24 30.83 -4.10 16.99
CA PRO B 24 30.81 -3.91 15.55
C PRO B 24 31.51 -5.06 14.84
N ALA B 25 30.87 -5.60 13.82
CA ALA B 25 31.39 -6.76 13.10
C ALA B 25 32.14 -6.39 11.84
N TYR B 26 31.67 -5.38 11.10
CA TYR B 26 32.19 -5.04 9.78
C TYR B 26 32.47 -3.55 9.72
N GLY B 27 33.24 -3.06 10.67
CA GLY B 27 33.51 -1.65 10.80
C GLY B 27 34.42 -1.11 9.70
N ASN B 28 34.77 0.16 9.87
CA ASN B 28 35.51 0.97 8.91
C ASN B 28 34.84 0.95 7.54
N VAL B 29 33.62 1.47 7.52
CA VAL B 29 32.86 1.64 6.29
C VAL B 29 32.53 3.12 6.15
N ARG B 30 32.98 3.72 5.05
CA ARG B 30 32.62 5.09 4.72
C ARG B 30 31.34 5.05 3.91
N THR B 31 30.25 5.49 4.51
CA THR B 31 28.96 5.52 3.84
C THR B 31 28.94 6.64 2.79
N PRO B 32 28.17 6.48 1.71
CA PRO B 32 28.03 7.57 0.76
C PRO B 32 27.22 8.71 1.37
N PRO B 33 27.51 9.95 1.00
CA PRO B 33 26.95 11.09 1.73
C PRO B 33 25.50 11.34 1.39
N VAL B 34 24.79 11.92 2.35
CA VAL B 34 23.36 12.21 2.21
C VAL B 34 23.09 13.68 2.42
N ASN B 35 24.05 14.53 2.06
CA ASN B 35 23.85 15.97 2.15
C ASN B 35 22.89 16.48 1.09
N TYR B 36 22.68 15.74 0.02
CA TYR B 36 21.89 16.24 -1.10
C TYR B 36 20.39 16.16 -0.82
N LEU B 37 19.95 15.24 0.03
CA LEU B 37 18.52 15.07 0.28
C LEU B 37 18.01 16.19 1.15
N PRO B 38 16.96 16.89 0.74
CA PRO B 38 16.35 17.92 1.58
C PRO B 38 15.23 17.36 2.44
N GLY B 39 14.94 18.08 3.52
CA GLY B 39 13.84 17.71 4.39
C GLY B 39 14.10 16.46 5.21
N GLU B 40 15.05 16.54 6.13
CA GLU B 40 15.31 15.43 7.05
C GLU B 40 14.35 15.51 8.21
N ILE B 41 13.58 14.46 8.43
CA ILE B 41 12.69 14.37 9.58
C ILE B 41 13.55 14.06 10.79
N THR B 42 13.83 15.07 11.61
CA THR B 42 14.50 14.81 12.87
C THR B 42 13.53 14.25 13.89
N ASP B 43 12.27 14.67 13.82
CA ASP B 43 11.31 14.43 14.89
C ASP B 43 9.96 14.18 14.27
N LEU B 44 9.24 13.16 14.74
CA LEU B 44 7.95 12.84 14.16
C LEU B 44 6.82 13.74 14.62
N LEU B 45 7.10 14.73 15.46
CA LEU B 45 6.16 15.81 15.70
C LEU B 45 6.22 16.88 14.62
N GLN B 46 7.09 16.71 13.62
CA GLN B 46 7.02 17.54 12.43
C GLN B 46 5.92 17.10 11.48
N LEU B 47 5.29 15.95 11.73
CA LEU B 47 4.22 15.47 10.89
C LEU B 47 2.90 15.31 11.61
N ALA B 48 2.87 15.36 12.94
CA ALA B 48 1.61 15.49 13.61
C ALA B 48 1.04 16.89 13.45
N ARG B 49 1.89 17.88 13.19
CA ARG B 49 1.49 19.27 13.04
C ARG B 49 1.07 19.61 11.62
N ILE B 50 1.16 18.67 10.69
CA ILE B 50 0.76 18.90 9.31
C ILE B 50 -0.71 18.52 9.17
N PRO B 51 -1.58 19.42 8.72
CA PRO B 51 -3.03 19.13 8.71
C PRO B 51 -3.40 18.11 7.64
N THR B 52 -3.95 17.00 8.09
CA THR B 52 -4.41 15.94 7.20
C THR B 52 -5.90 15.71 7.36
N LEU B 53 -6.49 15.12 6.34
CA LEU B 53 -7.93 14.98 6.24
C LEU B 53 -8.47 14.03 7.28
N MET B 54 -9.71 14.28 7.69
CA MET B 54 -10.41 13.40 8.61
C MET B 54 -11.33 12.50 7.79
N ALA B 55 -12.09 11.67 8.48
CA ALA B 55 -13.04 10.79 7.84
C ALA B 55 -14.39 10.92 8.52
N PHE B 56 -15.45 10.66 7.76
CA PHE B 56 -16.80 10.72 8.31
C PHE B 56 -17.65 9.66 7.66
N GLY B 57 -18.31 8.86 8.48
CA GLY B 57 -19.40 8.04 7.99
C GLY B 57 -20.51 8.97 7.56
N ARG B 58 -21.18 8.64 6.46
CA ARG B 58 -22.22 9.51 5.94
C ARG B 58 -23.45 9.47 6.85
N ASP B 67 -16.51 0.74 3.04
CA ASP B 67 -15.30 1.45 3.48
C ASP B 67 -15.06 2.72 2.65
N ALA B 68 -16.12 3.37 2.23
CA ALA B 68 -16.06 4.61 1.46
C ALA B 68 -16.53 5.74 2.37
N TYR B 69 -15.60 6.31 3.12
CA TYR B 69 -15.91 7.42 4.01
C TYR B 69 -15.50 8.73 3.37
N VAL B 70 -15.96 9.81 3.97
CA VAL B 70 -16.03 11.13 3.34
C VAL B 70 -15.26 12.14 4.16
N PRO B 71 -14.31 12.89 3.58
CA PRO B 71 -13.54 13.84 4.38
C PRO B 71 -14.29 15.12 4.70
N TYR B 72 -15.34 15.44 3.96
CA TYR B 72 -16.08 16.68 4.16
C TYR B 72 -17.38 16.42 4.91
N VAL B 73 -18.08 17.51 5.20
CA VAL B 73 -19.41 17.47 5.81
C VAL B 73 -20.35 18.25 4.90
N ALA B 74 -21.38 17.57 4.39
CA ALA B 74 -22.40 18.25 3.61
C ALA B 74 -23.20 19.18 4.50
N VAL B 75 -23.63 20.29 3.93
CA VAL B 75 -24.34 21.33 4.69
C VAL B 75 -25.75 21.44 4.15
N PRO B 76 -26.73 20.74 4.71
CA PRO B 76 -28.10 20.87 4.23
C PRO B 76 -28.67 22.24 4.56
N THR B 77 -29.58 22.70 3.71
CA THR B 77 -30.15 24.04 3.84
C THR B 77 -31.18 24.13 4.97
N GLN B 78 -31.57 23.01 5.56
CA GLN B 78 -32.53 23.01 6.64
C GLN B 78 -31.91 23.57 7.91
N PHE B 79 -32.39 24.71 8.37
CA PHE B 79 -31.92 25.26 9.64
C PHE B 79 -32.51 24.44 10.79
N ASP B 80 -31.67 24.13 11.77
CA ASP B 80 -32.10 23.18 12.79
C ASP B 80 -31.30 23.41 14.07
N ASP B 81 -31.91 23.05 15.20
CA ASP B 81 -31.28 23.21 16.51
C ASP B 81 -30.69 21.88 16.96
N LYS B 82 -29.69 21.44 16.20
CA LYS B 82 -28.91 20.23 16.47
C LYS B 82 -27.64 20.34 15.64
N PRO B 83 -26.54 19.69 16.04
CA PRO B 83 -25.25 19.99 15.39
C PRO B 83 -25.18 19.48 13.97
N LEU B 84 -24.47 20.24 13.15
CA LEU B 84 -24.33 19.85 11.75
C LEU B 84 -23.42 18.65 11.62
N ILE B 85 -22.35 18.62 12.43
CA ILE B 85 -21.64 17.39 12.73
C ILE B 85 -21.05 17.55 14.13
N SER B 86 -20.96 16.42 14.86
CA SER B 86 -20.41 16.44 16.21
C SER B 86 -19.74 15.10 16.44
N PHE B 87 -18.42 15.07 16.34
CA PHE B 87 -17.60 13.91 16.59
C PHE B 87 -16.85 14.07 17.91
N PRO B 88 -16.64 12.99 18.66
CA PRO B 88 -15.92 13.11 19.93
C PRO B 88 -14.44 13.27 19.72
N ILE B 89 -13.80 13.93 20.68
CA ILE B 89 -12.37 14.22 20.60
C ILE B 89 -11.67 13.12 21.37
N THR B 90 -11.39 12.04 20.67
CA THR B 90 -10.65 10.90 21.19
C THR B 90 -9.77 10.42 20.06
N LEU B 91 -8.50 10.18 20.36
CA LEU B 91 -7.58 9.83 19.28
C LEU B 91 -7.64 8.35 18.90
N SER B 92 -8.56 7.60 19.50
CA SER B 92 -8.90 6.26 19.03
C SER B 92 -10.21 6.26 18.26
N ASP B 93 -10.86 7.41 18.12
CA ASP B 93 -12.14 7.48 17.43
C ASP B 93 -11.92 7.34 15.92
N PRO B 94 -12.80 6.65 15.21
CA PRO B 94 -12.57 6.41 13.78
C PRO B 94 -12.73 7.61 12.86
N VAL B 95 -12.90 8.83 13.38
CA VAL B 95 -12.72 10.02 12.56
C VAL B 95 -11.27 10.50 12.59
N TYR B 96 -10.38 9.75 13.26
CA TYR B 96 -8.97 10.11 13.35
C TYR B 96 -8.04 8.98 12.93
N GLN B 97 -8.56 7.86 12.43
CA GLN B 97 -7.71 6.72 12.11
C GLN B 97 -6.75 7.02 10.97
N ASN B 98 -7.19 7.79 9.98
CA ASN B 98 -6.36 8.08 8.82
C ASN B 98 -5.94 9.54 8.77
N THR B 99 -5.76 10.17 9.92
CA THR B 99 -5.08 11.46 9.94
C THR B 99 -3.58 11.20 10.11
N LEU B 100 -2.81 12.24 10.38
CA LEU B 100 -1.47 12.02 10.89
C LEU B 100 -1.36 12.29 12.38
N VAL B 101 -2.38 12.90 12.98
CA VAL B 101 -2.44 12.91 14.44
C VAL B 101 -2.78 11.53 14.95
N GLY B 102 -3.95 11.02 14.58
CA GLY B 102 -4.40 9.76 15.13
C GLY B 102 -3.74 8.52 14.59
N ALA B 103 -2.86 8.64 13.60
CA ALA B 103 -2.11 7.47 13.13
C ALA B 103 -0.70 7.42 13.69
N ILE B 104 -0.06 8.57 13.88
CA ILE B 104 1.19 8.59 14.63
C ILE B 104 0.93 8.30 16.10
N SER B 105 -0.03 9.02 16.69
CA SER B 105 -0.24 8.94 18.13
C SER B 105 -0.89 7.64 18.58
N SER B 106 -1.50 6.87 17.67
CA SER B 106 -2.07 5.60 18.10
C SER B 106 -0.99 4.58 18.41
N ASN B 107 0.19 4.73 17.81
CA ASN B 107 1.29 3.81 18.04
C ASN B 107 2.10 4.18 19.26
N PHE B 108 1.66 5.16 20.03
CA PHE B 108 2.28 5.57 21.28
C PHE B 108 1.30 5.25 22.41
N ALA B 109 1.61 5.72 23.61
CA ALA B 109 0.76 5.42 24.75
C ALA B 109 0.16 6.66 25.41
N ASN B 110 0.82 7.81 25.33
CA ASN B 110 0.35 9.00 26.01
C ASN B 110 0.51 10.20 25.09
N TYR B 111 -0.40 11.16 25.22
CA TYR B 111 -0.26 12.41 24.49
C TYR B 111 -0.59 13.58 25.40
N ARG B 112 -0.23 14.78 24.94
CA ARG B 112 -0.46 16.02 25.67
C ARG B 112 -0.38 17.16 24.68
N GLY B 113 -1.48 17.86 24.45
CA GLY B 113 -1.43 18.98 23.55
C GLY B 113 -2.82 19.33 23.05
N CYS B 114 -2.85 20.13 22.00
CA CYS B 114 -4.07 20.73 21.48
C CYS B 114 -4.28 20.25 20.06
N ILE B 115 -5.32 19.44 19.85
CA ILE B 115 -5.74 19.08 18.50
C ILE B 115 -6.25 20.34 17.82
N GLN B 116 -5.87 20.53 16.55
CA GLN B 116 -6.17 21.78 15.85
C GLN B 116 -6.93 21.46 14.58
N ILE B 117 -8.26 21.52 14.66
CA ILE B 117 -9.12 21.24 13.52
C ILE B 117 -9.09 22.45 12.59
N THR B 118 -8.54 22.26 11.40
CA THR B 118 -8.54 23.30 10.38
C THR B 118 -9.74 23.09 9.46
N LEU B 119 -10.62 24.07 9.40
CA LEU B 119 -11.78 23.97 8.53
C LEU B 119 -11.45 24.58 7.18
N THR B 120 -12.27 24.26 6.18
CA THR B 120 -12.15 24.86 4.86
C THR B 120 -13.52 24.80 4.21
N PHE B 121 -14.17 25.95 4.03
CA PHE B 121 -15.48 26.00 3.42
C PHE B 121 -15.30 25.90 1.90
N CYS B 122 -15.73 24.78 1.33
CA CYS B 122 -15.57 24.52 -0.09
C CYS B 122 -16.82 24.87 -0.90
N GLY B 123 -17.65 25.76 -0.38
CA GLY B 123 -18.83 26.20 -1.10
C GLY B 123 -18.52 27.32 -2.06
N PRO B 124 -19.55 27.92 -2.65
CA PRO B 124 -19.32 28.99 -3.62
C PRO B 124 -18.84 30.26 -2.96
N MET B 125 -18.40 31.21 -3.79
CA MET B 125 -17.69 32.37 -3.29
C MET B 125 -18.61 33.38 -2.62
N MET B 126 -19.83 33.55 -3.13
CA MET B 126 -20.74 34.54 -2.60
C MET B 126 -21.62 34.01 -1.48
N ALA B 127 -21.21 32.94 -0.81
CA ALA B 127 -21.92 32.49 0.36
C ALA B 127 -21.64 33.42 1.53
N ARG B 128 -22.67 33.67 2.34
CA ARG B 128 -22.53 34.50 3.53
C ARG B 128 -23.25 33.82 4.67
N GLY B 129 -22.59 33.73 5.81
CA GLY B 129 -23.20 33.11 6.98
C GLY B 129 -22.20 33.02 8.11
N LYS B 130 -22.67 32.46 9.21
CA LYS B 130 -21.86 32.27 10.40
C LYS B 130 -21.94 30.81 10.83
N PHE B 131 -20.86 30.32 11.42
CA PHE B 131 -20.86 29.02 12.05
C PHE B 131 -20.36 29.14 13.48
N LEU B 132 -20.88 28.28 14.36
CA LEU B 132 -20.45 28.22 15.74
C LEU B 132 -19.69 26.91 15.93
N LEU B 133 -18.60 26.98 16.67
CA LEU B 133 -17.64 25.89 16.80
C LEU B 133 -17.46 25.57 18.28
N SER B 134 -18.28 24.69 18.82
CA SER B 134 -18.33 24.47 20.26
C SER B 134 -17.60 23.19 20.63
N TYR B 135 -16.46 23.34 21.31
CA TYR B 135 -15.85 22.22 22.00
C TYR B 135 -16.45 22.08 23.38
N SER B 136 -16.85 20.88 23.71
CA SER B 136 -17.38 20.61 25.05
C SER B 136 -16.40 19.77 25.84
N PRO B 137 -16.33 19.96 27.15
CA PRO B 137 -15.63 19.01 28.00
C PRO B 137 -16.42 17.71 28.11
N PRO B 138 -15.81 16.62 28.57
CA PRO B 138 -16.55 15.36 28.66
C PRO B 138 -17.64 15.37 29.72
N ASN B 139 -18.88 15.46 29.25
CA ASN B 139 -20.07 15.50 30.08
C ASN B 139 -20.78 14.16 29.98
N GLY B 140 -21.77 13.95 30.85
CA GLY B 140 -22.50 12.69 30.86
C GLY B 140 -23.39 12.45 29.66
N THR B 141 -23.75 13.50 28.92
CA THR B 141 -24.58 13.38 27.73
C THR B 141 -24.05 14.37 26.70
N GLN B 142 -24.02 13.96 25.45
CA GLN B 142 -23.46 14.78 24.38
C GLN B 142 -24.31 16.02 24.15
N PRO B 143 -23.71 17.20 24.05
CA PRO B 143 -24.51 18.41 23.77
C PRO B 143 -25.01 18.42 22.33
N GLN B 144 -26.28 18.73 22.17
CA GLN B 144 -26.95 18.77 20.88
C GLN B 144 -27.51 20.15 20.56
N THR B 145 -28.19 20.77 21.50
CA THR B 145 -28.84 22.06 21.27
C THR B 145 -27.78 23.14 21.10
N LEU B 146 -28.07 24.11 20.22
CA LEU B 146 -27.19 25.27 20.06
C LEU B 146 -27.12 26.09 21.34
N SER B 147 -28.18 26.07 22.16
CA SER B 147 -28.11 26.68 23.48
C SER B 147 -27.15 25.91 24.38
N GLU B 148 -27.09 24.59 24.23
CA GLU B 148 -26.11 23.80 24.95
C GLU B 148 -24.71 23.96 24.36
N ALA B 149 -24.60 24.53 23.16
CA ALA B 149 -23.30 24.74 22.53
C ALA B 149 -22.71 26.10 22.87
N MET B 150 -23.55 27.09 23.16
CA MET B 150 -23.04 28.42 23.51
C MET B 150 -22.39 28.41 24.88
N GLN B 151 -22.86 27.56 25.79
CA GLN B 151 -22.37 27.58 27.15
C GLN B 151 -21.00 26.93 27.29
N CYS B 152 -20.57 26.15 26.31
CA CYS B 152 -19.25 25.53 26.31
C CYS B 152 -18.24 26.52 25.72
N THR B 153 -17.05 26.03 25.38
CA THR B 153 -16.06 26.85 24.69
C THR B 153 -16.41 26.94 23.22
N TYR B 154 -16.60 28.15 22.71
CA TYR B 154 -17.07 28.35 21.35
C TYR B 154 -16.23 29.42 20.66
N SER B 155 -16.38 29.49 19.34
CA SER B 155 -15.83 30.58 18.55
C SER B 155 -16.64 30.66 17.27
N ILE B 156 -17.06 31.87 16.91
CA ILE B 156 -18.01 32.07 15.82
C ILE B 156 -17.24 32.28 14.52
N TRP B 157 -17.39 31.34 13.59
CA TRP B 157 -16.70 31.39 12.31
C TRP B 157 -17.65 31.92 11.24
N ASP B 158 -17.32 33.09 10.71
CA ASP B 158 -18.07 33.72 9.65
C ASP B 158 -17.51 33.29 8.31
N ILE B 159 -18.37 33.24 7.29
CA ILE B 159 -17.90 33.08 5.90
C ILE B 159 -17.68 34.50 5.39
N GLY B 160 -16.55 35.08 5.79
CA GLY B 160 -16.17 36.40 5.35
C GLY B 160 -14.82 36.33 4.68
N LEU B 161 -13.83 36.94 5.31
CA LEU B 161 -12.46 36.69 4.91
C LEU B 161 -11.99 35.31 5.35
N ASN B 162 -12.63 34.74 6.36
CA ASN B 162 -12.22 33.45 6.92
C ASN B 162 -13.01 32.35 6.23
N SER B 163 -12.48 31.87 5.11
CA SER B 163 -12.90 30.62 4.53
C SER B 163 -12.07 29.45 5.02
N SER B 164 -11.28 29.66 6.07
CA SER B 164 -10.43 28.62 6.65
C SER B 164 -10.22 28.99 8.11
N TRP B 165 -10.78 28.20 9.01
CA TRP B 165 -10.71 28.47 10.44
C TRP B 165 -10.01 27.32 11.14
N THR B 166 -9.05 27.65 12.00
CA THR B 166 -8.29 26.64 12.74
C THR B 166 -8.72 26.72 14.21
N PHE B 167 -9.71 25.92 14.58
CA PHE B 167 -10.20 25.93 15.95
C PHE B 167 -9.30 25.06 16.81
N VAL B 168 -8.53 25.69 17.69
CA VAL B 168 -7.63 24.99 18.59
C VAL B 168 -8.47 24.37 19.70
N ILE B 169 -8.54 23.04 19.72
CA ILE B 169 -9.24 22.33 20.79
C ILE B 169 -8.37 22.33 22.03
N PRO B 170 -8.87 22.84 23.16
CA PRO B 170 -8.03 22.94 24.36
C PRO B 170 -7.71 21.57 24.96
N TYR B 171 -6.74 21.59 25.85
CA TYR B 171 -6.31 20.39 26.58
C TYR B 171 -6.76 20.57 28.03
N ILE B 172 -7.86 19.94 28.39
CA ILE B 172 -8.39 19.98 29.75
C ILE B 172 -8.47 18.54 30.22
N SER B 173 -7.63 18.18 31.19
CA SER B 173 -7.51 16.80 31.60
C SER B 173 -7.06 16.71 33.05
N PRO B 174 -7.60 15.76 33.83
CA PRO B 174 -7.16 15.60 35.22
C PRO B 174 -5.81 14.95 35.38
N SER B 175 -5.14 14.57 34.29
CA SER B 175 -3.80 14.01 34.33
C SER B 175 -2.92 14.76 33.35
N ASP B 176 -1.61 14.68 33.55
CA ASP B 176 -0.67 15.37 32.67
C ASP B 176 -0.68 14.79 31.26
N TYR B 177 -1.00 13.51 31.12
CA TYR B 177 -1.08 12.84 29.83
C TYR B 177 -2.36 12.03 29.76
N ARG B 178 -2.71 11.62 28.55
CA ARG B 178 -3.96 10.92 28.29
C ARG B 178 -3.68 9.60 27.60
N GLU B 179 -4.46 8.57 27.94
CA GLU B 179 -4.37 7.30 27.24
C GLU B 179 -4.86 7.48 25.81
N THR B 180 -4.01 7.15 24.84
CA THR B 180 -4.28 7.49 23.44
C THR B 180 -4.92 6.35 22.67
N ARG B 181 -5.08 5.18 23.28
CA ARG B 181 -5.95 4.18 22.66
C ARG B 181 -6.90 3.70 23.78
N ALA B 182 -7.96 4.46 23.98
CA ALA B 182 -8.96 4.17 24.99
C ALA B 182 -10.24 4.92 24.65
N ILE B 183 -11.37 4.22 24.64
CA ILE B 183 -12.65 4.88 24.40
C ILE B 183 -13.02 5.81 25.55
N THR B 184 -12.90 5.34 26.79
CA THR B 184 -13.31 6.10 27.96
C THR B 184 -12.29 7.15 28.39
N ASN B 185 -11.06 6.71 28.73
CA ASN B 185 -9.87 7.54 29.08
C ASN B 185 -9.99 8.36 30.39
N SER B 186 -11.22 8.58 30.87
CA SER B 186 -11.47 9.55 31.92
C SER B 186 -12.76 9.20 32.65
N VAL B 187 -13.33 10.20 33.32
CA VAL B 187 -14.65 10.08 33.93
C VAL B 187 -15.66 9.96 32.78
N TYR B 188 -16.90 9.58 33.09
CA TYR B 188 -17.72 8.60 32.40
C TYR B 188 -17.53 8.42 30.89
N SER B 189 -17.59 9.47 30.08
CA SER B 189 -17.73 9.18 28.66
C SER B 189 -17.04 10.14 27.69
N ALA B 190 -16.19 9.57 26.83
CA ALA B 190 -15.92 10.04 25.47
C ALA B 190 -15.18 11.38 25.33
N ASP B 191 -14.53 11.85 26.40
CA ASP B 191 -13.39 12.77 26.31
C ASP B 191 -13.63 14.14 25.70
N GLY B 192 -14.86 14.48 25.37
CA GLY B 192 -15.13 15.77 24.75
C GLY B 192 -15.86 15.59 23.45
N TRP B 193 -16.32 16.72 22.89
CA TRP B 193 -17.06 16.73 21.64
C TRP B 193 -16.87 18.07 20.95
N PHE B 194 -16.12 18.07 19.85
CA PHE B 194 -16.20 19.17 18.91
C PHE B 194 -17.55 19.11 18.21
N SER B 195 -18.09 20.28 17.87
CA SER B 195 -19.38 20.33 17.18
C SER B 195 -19.48 21.62 16.39
N LEU B 196 -19.44 21.47 15.07
CA LEU B 196 -19.68 22.56 14.12
C LEU B 196 -21.18 22.79 14.02
N HIS B 197 -21.67 23.88 14.61
CA HIS B 197 -23.06 24.32 14.49
C HIS B 197 -23.16 25.45 13.49
N LYS B 198 -24.29 25.50 12.79
CA LYS B 198 -24.60 26.65 11.95
C LYS B 198 -25.43 27.64 12.74
N LEU B 199 -25.04 28.91 12.70
CA LEU B 199 -25.55 29.92 13.61
C LEU B 199 -26.65 30.76 12.97
N THR B 200 -26.34 31.45 11.88
CA THR B 200 -27.35 32.07 11.04
C THR B 200 -27.59 31.15 9.85
N LYS B 201 -28.78 31.23 9.26
CA LYS B 201 -29.06 30.39 8.11
C LYS B 201 -28.30 30.92 6.90
N ILE B 202 -27.75 29.98 6.12
CA ILE B 202 -26.69 30.30 5.18
C ILE B 202 -27.31 30.80 3.88
N THR B 203 -26.93 32.01 3.48
CA THR B 203 -27.40 32.60 2.25
C THR B 203 -26.52 32.11 1.11
N LEU B 204 -27.03 31.19 0.34
CA LEU B 204 -26.37 30.77 -0.89
C LEU B 204 -27.06 31.45 -2.06
N PRO B 205 -26.30 32.06 -2.98
CA PRO B 205 -26.95 32.76 -4.08
C PRO B 205 -27.51 31.77 -5.09
N PRO B 206 -28.60 32.13 -5.77
CA PRO B 206 -29.12 31.26 -6.83
C PRO B 206 -28.19 31.26 -8.04
N ASP B 207 -28.36 30.21 -8.86
CA ASP B 207 -27.40 29.81 -9.89
C ASP B 207 -25.99 29.63 -9.32
N CYS B 208 -25.94 29.10 -8.10
CA CYS B 208 -24.77 28.64 -7.39
C CYS B 208 -25.34 27.50 -6.57
N PRO B 209 -24.61 26.40 -6.40
CA PRO B 209 -25.24 25.17 -5.91
C PRO B 209 -25.59 25.26 -4.44
N GLN B 210 -26.77 24.74 -4.10
CA GLN B 210 -27.11 24.55 -2.72
C GLN B 210 -26.36 23.34 -2.17
N SER B 211 -26.44 23.16 -0.85
CA SER B 211 -25.74 22.14 -0.07
C SER B 211 -24.23 22.18 -0.28
N PRO B 212 -23.52 23.15 0.29
CA PRO B 212 -22.07 23.19 0.17
C PRO B 212 -21.42 22.14 1.07
N CYS B 213 -20.10 22.06 0.99
CA CYS B 213 -19.35 21.07 1.74
C CYS B 213 -18.25 21.78 2.51
N ILE B 214 -18.11 21.45 3.79
CA ILE B 214 -17.04 21.98 4.62
C ILE B 214 -16.03 20.87 4.83
N LEU B 215 -14.76 21.15 4.55
CA LEU B 215 -13.71 20.15 4.57
C LEU B 215 -12.94 20.27 5.87
N PHE B 216 -12.81 19.16 6.59
CA PHE B 216 -12.18 19.18 7.92
C PHE B 216 -10.77 18.61 7.85
N PHE B 217 -9.88 19.19 8.63
CA PHE B 217 -8.51 18.70 8.82
C PHE B 217 -8.31 18.34 10.28
N ALA B 218 -7.13 17.82 10.60
CA ALA B 218 -6.79 17.51 11.99
C ALA B 218 -5.27 17.58 12.12
N SER B 219 -4.77 18.71 12.59
CA SER B 219 -3.36 18.85 12.88
C SER B 219 -3.16 18.80 14.39
N ALA B 220 -1.95 19.06 14.83
CA ALA B 220 -1.65 19.14 16.26
C ALA B 220 -1.05 20.50 16.57
N GLY B 221 -1.24 20.96 17.79
CA GLY B 221 -0.73 22.24 18.20
C GLY B 221 0.77 22.23 18.34
N GLU B 222 1.33 23.43 18.58
CA GLU B 222 2.77 23.54 18.74
C GLU B 222 3.28 22.91 20.04
N ASP B 223 2.40 22.72 21.02
CA ASP B 223 2.77 22.13 22.29
C ASP B 223 2.38 20.66 22.39
N TYR B 224 2.10 20.02 21.26
CA TYR B 224 1.68 18.64 21.25
C TYR B 224 2.87 17.72 21.48
N THR B 225 2.76 16.84 22.46
CA THR B 225 3.88 16.00 22.88
C THR B 225 3.37 14.59 23.09
N LEU B 226 4.22 13.60 22.81
CA LEU B 226 3.87 12.20 22.88
C LEU B 226 4.87 11.46 23.76
N ARG B 227 4.51 10.26 24.19
CA ARG B 227 5.32 9.55 25.16
C ARG B 227 5.06 8.06 25.03
N LEU B 228 6.06 7.26 25.43
CA LEU B 228 5.99 5.80 25.61
C LEU B 228 5.61 5.04 24.35
N PRO B 229 6.55 4.84 23.42
CA PRO B 229 6.26 4.03 22.23
C PRO B 229 5.87 2.61 22.58
N VAL B 230 4.79 2.14 21.96
CA VAL B 230 4.31 0.78 22.16
C VAL B 230 4.37 0.05 20.82
N ASP B 231 4.28 -1.27 20.88
CA ASP B 231 4.22 -2.07 19.66
C ASP B 231 2.90 -1.82 18.96
N CYS B 232 2.99 -1.55 17.66
CA CYS B 232 1.87 -0.99 16.91
C CYS B 232 0.84 -2.05 16.59
N ASN B 233 -0.19 -1.64 15.86
CA ASN B 233 -1.22 -2.55 15.38
C ASN B 233 -0.80 -3.03 14.00
N PRO B 234 -0.49 -4.31 13.81
CA PRO B 234 -0.03 -4.77 12.50
C PRO B 234 -1.16 -5.15 11.56
N SER B 235 -2.38 -4.70 11.84
CA SER B 235 -3.54 -5.05 11.05
C SER B 235 -3.79 -4.07 9.90
N TYR B 236 -2.77 -3.35 9.47
CA TYR B 236 -2.86 -2.60 8.22
C TYR B 236 -2.49 -3.45 7.02
N VAL B 237 -1.97 -4.65 7.24
CA VAL B 237 -1.30 -5.43 6.22
C VAL B 237 -2.14 -6.60 5.76
N PHE B 238 -3.29 -6.82 6.38
CA PHE B 238 -4.15 -7.95 6.04
C PHE B 238 -5.26 -7.50 5.10
N VAL C 1 4.09 30.55 -4.25
CA VAL C 1 4.77 29.39 -4.80
C VAL C 1 5.24 28.49 -3.68
N LEU C 2 4.65 27.30 -3.57
CA LEU C 2 4.88 26.42 -2.43
C LEU C 2 6.21 25.71 -2.65
N CYS C 3 7.28 26.30 -2.13
CA CYS C 3 8.57 25.65 -2.15
C CYS C 3 8.58 24.45 -1.20
N ALA C 4 9.40 23.47 -1.52
CA ALA C 4 9.40 22.19 -0.82
C ALA C 4 10.74 21.99 -0.13
N TYR C 5 10.69 21.86 1.20
CA TYR C 5 11.74 21.37 2.09
C TYR C 5 12.95 22.30 2.23
N VAL C 6 13.01 23.35 1.41
CA VAL C 6 14.12 24.31 1.42
C VAL C 6 13.55 25.69 1.13
N GLU C 7 14.39 26.71 1.32
CA GLU C 7 14.01 28.05 0.90
C GLU C 7 14.10 28.19 -0.61
N ASP C 8 15.11 27.58 -1.22
CA ASP C 8 15.40 27.73 -2.64
C ASP C 8 15.64 26.35 -3.24
N PRO C 9 14.65 25.76 -3.92
CA PRO C 9 14.88 24.49 -4.61
C PRO C 9 15.66 24.60 -5.91
N THR C 10 16.08 25.80 -6.30
CA THR C 10 16.94 25.95 -7.47
C THR C 10 18.39 25.60 -7.12
N LYS C 11 18.79 25.80 -5.87
CA LYS C 11 20.15 25.47 -5.41
C LYS C 11 20.36 23.96 -5.46
N SER C 12 21.34 23.53 -6.25
CA SER C 12 21.60 22.11 -6.44
C SER C 12 23.04 21.94 -6.87
N ASP C 13 23.83 21.22 -6.08
CA ASP C 13 25.20 20.91 -6.45
C ASP C 13 25.22 19.85 -7.54
N PRO C 14 26.32 19.74 -8.28
CA PRO C 14 26.47 18.61 -9.20
C PRO C 14 26.55 17.30 -8.44
N PRO C 15 26.18 16.18 -9.08
CA PRO C 15 26.19 14.89 -8.37
C PRO C 15 27.58 14.41 -8.04
N SER C 16 27.69 13.73 -6.90
CA SER C 16 28.93 13.12 -6.46
C SER C 16 29.07 11.68 -6.92
N SER C 17 28.25 11.24 -7.86
CA SER C 17 28.37 9.92 -8.46
C SER C 17 28.72 10.02 -9.92
N SER C 18 29.64 10.92 -10.26
CA SER C 18 30.10 11.07 -11.62
C SER C 18 31.53 11.61 -11.60
N THR C 19 32.26 11.32 -12.66
CA THR C 19 33.60 11.84 -12.85
C THR C 19 33.70 12.78 -14.04
N ASP C 20 32.60 13.02 -14.73
CA ASP C 20 32.58 13.88 -15.90
C ASP C 20 31.82 15.17 -15.62
N GLN C 21 31.97 16.12 -16.53
CA GLN C 21 31.27 17.40 -16.39
C GLN C 21 29.79 17.20 -16.68
N PRO C 22 28.89 17.68 -15.81
CA PRO C 22 27.46 17.52 -16.08
C PRO C 22 26.98 18.54 -17.11
N THR C 23 26.09 18.09 -17.99
CA THR C 23 25.45 18.99 -18.95
C THR C 23 24.40 19.76 -18.19
N THR C 24 24.79 20.92 -17.66
CA THR C 24 23.95 21.66 -16.73
C THR C 24 22.78 22.36 -17.40
N THR C 25 22.74 22.41 -18.73
CA THR C 25 21.74 23.21 -19.42
C THR C 25 21.46 22.61 -20.79
N PHE C 26 20.46 23.20 -21.45
CA PHE C 26 20.09 22.82 -22.81
C PHE C 26 19.45 24.05 -23.45
N THR C 27 18.90 23.89 -24.64
CA THR C 27 18.70 25.05 -25.50
C THR C 27 17.49 25.90 -25.14
N ALA C 28 16.63 25.45 -24.23
CA ALA C 28 15.53 26.30 -23.77
C ALA C 28 15.17 25.88 -22.35
N ILE C 29 15.77 26.57 -21.36
CA ILE C 29 15.59 26.18 -19.97
C ILE C 29 14.66 27.12 -19.21
N ASP C 30 14.35 28.29 -19.73
CA ASP C 30 13.47 29.25 -19.08
C ASP C 30 12.09 29.23 -19.72
N ARG C 31 11.63 28.05 -20.13
CA ARG C 31 10.30 27.90 -20.69
C ARG C 31 9.59 26.74 -20.02
N TRP C 32 8.27 26.81 -20.03
CA TRP C 32 7.38 25.84 -19.41
C TRP C 32 6.98 24.78 -20.43
N TYR C 33 6.30 23.75 -19.96
CA TYR C 33 5.81 22.68 -20.82
C TYR C 33 4.35 22.43 -20.45
N THR C 34 3.44 22.87 -21.31
CA THR C 34 2.01 22.82 -21.01
C THR C 34 1.41 21.57 -21.61
N GLY C 35 0.66 20.82 -20.80
CA GLY C 35 -0.02 19.63 -21.29
C GLY C 35 -1.46 19.61 -20.81
N ARG C 36 -2.29 18.92 -21.58
CA ARG C 36 -3.68 18.74 -21.18
C ARG C 36 -3.77 17.76 -20.03
N LEU C 37 -4.89 17.83 -19.32
CA LEU C 37 -5.24 16.86 -18.31
C LEU C 37 -6.75 16.78 -18.31
N ASN C 38 -7.29 15.63 -17.90
CA ASN C 38 -8.70 15.34 -18.16
C ASN C 38 -9.62 16.24 -17.34
N SER C 39 -10.75 16.60 -17.95
CA SER C 39 -11.66 17.57 -17.36
C SER C 39 -12.39 16.98 -16.16
N TRP C 40 -12.74 17.84 -15.23
CA TRP C 40 -13.34 17.45 -13.96
C TRP C 40 -14.84 17.74 -14.01
N THR C 41 -15.63 16.69 -13.86
CA THR C 41 -17.08 16.75 -14.01
C THR C 41 -17.77 16.38 -12.70
N LYS C 42 -19.10 16.32 -12.73
CA LYS C 42 -19.87 15.96 -11.56
C LYS C 42 -19.73 14.49 -11.21
N ALA C 43 -19.59 13.63 -12.21
CA ALA C 43 -19.56 12.19 -11.98
C ALA C 43 -18.25 11.71 -11.35
N VAL C 44 -17.25 12.58 -11.23
CA VAL C 44 -16.02 12.25 -10.54
C VAL C 44 -16.31 12.12 -9.05
N LYS C 45 -16.06 10.95 -8.49
CA LYS C 45 -16.32 10.73 -7.07
C LYS C 45 -15.25 11.40 -6.22
N THR C 46 -15.40 11.24 -4.91
CA THR C 46 -14.40 11.72 -3.97
C THR C 46 -13.15 10.85 -4.10
N PHE C 47 -11.98 11.49 -3.97
CA PHE C 47 -10.65 10.87 -3.96
C PHE C 47 -10.25 10.24 -5.28
N SER C 48 -11.01 10.46 -6.35
CA SER C 48 -10.62 9.99 -7.67
C SER C 48 -9.50 10.88 -8.16
N PHE C 49 -8.28 10.37 -8.11
CA PHE C 49 -7.11 11.17 -8.43
C PHE C 49 -6.79 11.10 -9.92
N GLN C 50 -5.68 11.73 -10.29
CA GLN C 50 -5.16 11.63 -11.65
C GLN C 50 -3.68 11.99 -11.59
N ALA C 51 -2.82 11.01 -11.84
CA ALA C 51 -1.39 11.17 -11.63
C ALA C 51 -0.67 11.53 -12.92
N VAL C 52 0.29 12.44 -12.80
CA VAL C 52 1.17 12.83 -13.91
C VAL C 52 2.60 12.55 -13.48
N PRO C 53 3.19 11.44 -13.91
CA PRO C 53 4.53 11.08 -13.44
C PRO C 53 5.60 11.94 -14.08
N LEU C 54 6.55 12.36 -13.27
CA LEU C 54 7.65 13.18 -13.74
C LEU C 54 8.97 12.45 -13.50
N PRO C 55 9.83 12.29 -14.51
CA PRO C 55 9.65 12.67 -15.92
C PRO C 55 9.02 11.57 -16.75
N GLY C 56 8.03 10.88 -16.22
CA GLY C 56 7.28 9.95 -17.04
C GLY C 56 6.34 10.59 -18.02
N ALA C 57 6.03 11.87 -17.83
CA ALA C 57 5.09 12.56 -18.72
C ALA C 57 5.78 13.10 -19.96
N PHE C 58 7.06 13.47 -19.86
CA PHE C 58 7.78 13.98 -21.02
C PHE C 58 8.02 12.92 -22.07
N LEU C 59 8.03 11.65 -21.68
CA LEU C 59 8.31 10.55 -22.59
C LEU C 59 7.04 10.01 -23.24
N SER C 60 6.04 9.67 -22.43
CA SER C 60 4.80 9.13 -22.97
C SER C 60 3.88 10.21 -23.52
N ARG C 61 4.18 11.49 -23.27
CA ARG C 61 3.40 12.65 -23.71
C ARG C 61 1.96 12.56 -23.21
N GLN C 62 1.83 12.57 -21.88
CA GLN C 62 0.53 12.46 -21.25
C GLN C 62 -0.23 13.77 -21.40
N GLY C 63 -1.23 13.77 -22.28
CA GLY C 63 -2.00 14.98 -22.52
C GLY C 63 -1.31 16.00 -23.38
N GLY C 64 -0.58 15.55 -24.41
CA GLY C 64 0.10 16.48 -25.28
C GLY C 64 1.26 17.21 -24.63
N LEU C 65 1.89 16.59 -23.63
CA LEU C 65 2.97 17.23 -22.89
C LEU C 65 4.24 17.05 -23.70
N ASN C 66 4.45 17.96 -24.65
CA ASN C 66 5.60 17.88 -25.53
C ASN C 66 6.81 18.46 -24.81
N GLY C 67 7.87 17.67 -24.72
CA GLY C 67 9.04 18.08 -23.98
C GLY C 67 10.05 18.88 -24.75
N GLY C 68 9.81 19.12 -26.04
CA GLY C 68 10.67 19.95 -26.86
C GLY C 68 12.09 19.46 -27.00
N ALA C 69 13.02 20.18 -26.37
CA ALA C 69 14.42 19.77 -26.32
C ALA C 69 14.87 19.45 -24.91
N PHE C 70 13.92 19.16 -24.02
CA PHE C 70 14.21 18.54 -22.74
C PHE C 70 14.06 17.03 -22.78
N THR C 71 13.04 16.55 -23.48
CA THR C 71 12.95 15.11 -23.75
C THR C 71 14.09 14.66 -24.65
N ALA C 72 14.46 15.48 -25.63
CA ALA C 72 15.57 15.16 -26.51
C ALA C 72 16.93 15.43 -25.87
N THR C 73 16.96 15.97 -24.65
CA THR C 73 18.18 15.98 -23.84
C THR C 73 18.16 14.86 -22.82
N LEU C 74 16.99 14.50 -22.30
CA LEU C 74 16.86 13.38 -21.39
C LEU C 74 17.14 12.05 -22.09
N HIS C 75 16.80 11.94 -23.38
CA HIS C 75 17.12 10.71 -24.10
C HIS C 75 18.60 10.61 -24.47
N ARG C 76 19.36 11.69 -24.36
CA ARG C 76 20.76 11.66 -24.73
C ARG C 76 21.70 11.78 -23.53
N HIS C 77 21.21 11.47 -22.34
CA HIS C 77 22.04 11.45 -21.15
C HIS C 77 21.55 10.35 -20.23
N PHE C 78 22.49 9.69 -19.54
CA PHE C 78 22.10 8.53 -18.76
C PHE C 78 21.53 8.93 -17.40
N LEU C 79 22.31 9.63 -16.58
CA LEU C 79 21.81 10.02 -15.27
C LEU C 79 21.25 11.43 -15.35
N MET C 80 20.09 11.64 -14.74
CA MET C 80 19.45 12.95 -14.77
C MET C 80 19.05 13.32 -13.35
N LYS C 81 19.15 14.60 -13.02
CA LYS C 81 19.01 15.04 -11.63
C LYS C 81 18.45 16.45 -11.68
N CYS C 82 17.13 16.59 -11.51
CA CYS C 82 16.51 17.91 -11.55
C CYS C 82 15.46 18.01 -10.46
N GLY C 83 15.14 19.25 -10.11
CA GLY C 83 14.01 19.55 -9.24
C GLY C 83 12.90 20.17 -10.07
N TRP C 84 11.67 19.72 -9.83
CA TRP C 84 10.59 20.09 -10.71
C TRP C 84 9.90 21.37 -10.24
N GLN C 85 9.02 21.89 -11.10
CA GLN C 85 8.21 23.05 -10.76
C GLN C 85 6.95 22.97 -11.60
N VAL C 86 5.85 22.55 -10.97
CA VAL C 86 4.59 22.37 -11.66
C VAL C 86 3.70 23.57 -11.42
N GLN C 87 2.66 23.71 -12.24
CA GLN C 87 1.68 24.78 -12.07
C GLN C 87 0.39 24.30 -12.71
N VAL C 88 -0.54 23.83 -11.89
CA VAL C 88 -1.83 23.34 -12.37
C VAL C 88 -2.82 24.49 -12.36
N GLN C 89 -3.39 24.80 -13.52
CA GLN C 89 -4.49 25.76 -13.61
C GLN C 89 -5.79 25.02 -13.82
N CYS C 90 -6.87 25.61 -13.30
CA CYS C 90 -8.21 25.09 -13.52
C CYS C 90 -9.18 26.24 -13.31
N ASN C 91 -9.93 26.61 -14.35
CA ASN C 91 -10.77 27.81 -14.32
C ASN C 91 -12.03 27.58 -13.49
N LEU C 92 -11.83 27.55 -12.17
CA LEU C 92 -12.92 27.55 -11.21
C LEU C 92 -13.59 28.92 -11.22
N THR C 93 -14.89 28.95 -11.50
CA THR C 93 -15.65 30.18 -11.54
C THR C 93 -16.31 30.36 -10.17
N GLN C 94 -17.11 31.42 -10.00
CA GLN C 94 -17.97 31.53 -8.83
C GLN C 94 -19.06 30.48 -8.82
N PHE C 95 -19.41 29.94 -9.98
CA PHE C 95 -20.55 29.05 -10.12
C PHE C 95 -20.21 27.59 -9.82
N HIS C 96 -18.98 27.30 -9.41
CA HIS C 96 -18.58 25.95 -9.06
C HIS C 96 -18.30 25.86 -7.57
N GLN C 97 -18.43 24.64 -7.04
CA GLN C 97 -17.90 24.32 -5.73
C GLN C 97 -17.17 23.00 -5.81
N GLY C 98 -16.20 22.84 -4.91
CA GLY C 98 -15.35 21.67 -4.95
C GLY C 98 -13.92 22.08 -4.67
N ALA C 99 -13.03 21.12 -4.48
CA ALA C 99 -11.65 21.44 -4.13
C ALA C 99 -10.74 20.34 -4.62
N LEU C 100 -9.87 20.66 -5.57
CA LEU C 100 -8.82 19.74 -5.96
C LEU C 100 -7.71 19.75 -4.92
N LEU C 101 -6.94 18.68 -4.91
CA LEU C 101 -5.72 18.59 -4.11
C LEU C 101 -4.61 18.34 -5.11
N VAL C 102 -3.85 19.40 -5.42
CA VAL C 102 -2.69 19.26 -6.28
C VAL C 102 -1.47 19.05 -5.39
N ALA C 103 -0.85 17.89 -5.49
CA ALA C 103 0.33 17.57 -4.71
C ALA C 103 1.43 17.09 -5.63
N MET C 104 2.63 16.95 -5.06
CA MET C 104 3.79 16.38 -5.74
C MET C 104 4.22 15.19 -4.91
N VAL C 105 3.70 14.02 -5.24
CA VAL C 105 3.91 12.84 -4.41
C VAL C 105 5.31 12.28 -4.69
N PRO C 106 6.13 12.04 -3.67
CA PRO C 106 7.43 11.39 -3.88
C PRO C 106 7.30 9.89 -4.02
N GLU C 107 7.82 9.37 -5.15
CA GLU C 107 8.14 7.95 -5.34
C GLU C 107 6.91 7.05 -5.21
N THR C 108 5.96 7.21 -6.12
CA THR C 108 4.85 6.28 -6.17
C THR C 108 4.60 5.79 -7.58
N THR C 109 3.82 4.73 -7.67
CA THR C 109 3.61 3.99 -8.90
C THR C 109 2.18 4.13 -9.34
N LEU C 110 1.68 5.36 -9.34
CA LEU C 110 0.25 5.58 -9.53
C LEU C 110 -0.18 5.51 -10.99
N ASP C 111 0.77 5.52 -11.93
CA ASP C 111 0.47 5.31 -13.33
C ASP C 111 0.46 3.85 -13.73
N VAL C 112 0.44 2.93 -12.77
CA VAL C 112 0.61 1.52 -13.03
C VAL C 112 -0.73 0.82 -12.87
N LYS C 113 -1.07 0.01 -13.87
CA LYS C 113 -2.33 -0.69 -13.89
C LYS C 113 -2.39 -1.67 -12.75
N PRO C 114 -3.42 -1.46 -11.81
CA PRO C 114 -3.49 -2.51 -10.79
C PRO C 114 -3.83 -3.85 -11.43
N ASP C 115 -2.98 -4.30 -12.35
CA ASP C 115 -3.17 -5.57 -13.06
C ASP C 115 -2.30 -5.63 -14.32
N GLY C 116 -1.00 -5.38 -14.19
CA GLY C 116 -0.10 -5.48 -15.33
C GLY C 116 1.18 -4.64 -15.30
N LYS C 117 1.48 -4.02 -16.43
CA LYS C 117 2.71 -3.23 -16.61
C LYS C 117 2.47 -1.73 -16.44
N ALA C 118 2.65 -0.96 -17.51
CA ALA C 118 2.45 0.47 -17.43
C ALA C 118 1.29 0.87 -18.34
N LYS C 119 0.60 1.96 -17.96
CA LYS C 119 -0.58 2.39 -18.70
C LYS C 119 -0.21 2.98 -20.06
N SER C 120 -1.13 2.85 -20.99
CA SER C 120 -0.98 3.40 -22.33
C SER C 120 -1.59 4.80 -22.35
N LEU C 121 -1.76 5.37 -23.54
CA LEU C 121 -2.41 6.66 -23.68
C LEU C 121 -3.89 6.54 -23.97
N GLN C 122 -4.32 5.42 -24.56
CA GLN C 122 -5.74 5.20 -24.78
C GLN C 122 -6.45 4.86 -23.46
N GLU C 123 -5.79 4.08 -22.60
CA GLU C 123 -6.39 3.69 -21.33
C GLU C 123 -6.43 4.83 -20.32
N LEU C 124 -5.62 5.87 -20.52
CA LEU C 124 -5.80 7.09 -19.74
C LEU C 124 -6.96 7.94 -20.23
N ASN C 125 -7.49 7.64 -21.42
CA ASN C 125 -8.63 8.35 -21.95
C ASN C 125 -9.95 7.62 -21.69
N GLU C 126 -9.89 6.30 -21.50
CA GLU C 126 -11.10 5.53 -21.24
C GLU C 126 -11.66 5.81 -19.85
N GLU C 127 -10.82 5.76 -18.81
CA GLU C 127 -11.28 5.86 -17.44
C GLU C 127 -11.33 7.29 -16.91
N GLN C 128 -10.45 8.18 -17.38
CA GLN C 128 -10.45 9.64 -17.23
C GLN C 128 -10.12 10.13 -15.81
N TRP C 129 -10.24 9.26 -14.81
CA TRP C 129 -10.07 9.57 -13.40
C TRP C 129 -9.94 8.25 -12.66
N VAL C 130 -8.84 8.05 -11.95
CA VAL C 130 -8.56 6.74 -11.34
C VAL C 130 -9.23 6.70 -9.99
N GLU C 131 -10.21 5.81 -9.84
CA GLU C 131 -11.00 5.73 -8.60
C GLU C 131 -10.16 5.15 -7.48
N MET C 132 -10.24 5.78 -6.31
CA MET C 132 -9.51 5.31 -5.14
C MET C 132 -10.18 4.07 -4.59
N SER C 133 -9.79 2.91 -5.08
CA SER C 133 -10.38 1.65 -4.66
C SER C 133 -9.62 1.10 -3.45
N ASP C 134 -9.89 -0.15 -3.11
CA ASP C 134 -9.15 -0.81 -2.04
C ASP C 134 -7.72 -1.10 -2.44
N ASP C 135 -7.43 -1.18 -3.74
CA ASP C 135 -6.08 -1.51 -4.19
C ASP C 135 -5.13 -0.33 -4.00
N TYR C 136 -5.55 0.87 -4.43
CA TYR C 136 -4.71 2.05 -4.29
C TYR C 136 -4.56 2.50 -2.84
N ARG C 137 -5.49 2.12 -1.97
CA ARG C 137 -5.33 2.45 -0.56
C ARG C 137 -4.40 1.48 0.14
N THR C 138 -4.40 0.22 -0.27
CA THR C 138 -3.58 -0.79 0.38
C THR C 138 -2.28 -1.02 -0.40
N GLY C 139 -2.08 -0.34 -1.52
CA GLY C 139 -0.89 -0.56 -2.32
C GLY C 139 -0.87 -1.90 -3.01
N LYS C 140 -2.04 -2.47 -3.29
CA LYS C 140 -2.15 -3.83 -3.80
C LYS C 140 -2.07 -3.87 -5.33
N ASN C 141 -1.49 -2.87 -5.97
CA ASN C 141 -1.49 -2.80 -7.42
C ASN C 141 -0.15 -2.31 -7.96
N MET C 142 0.78 -2.09 -7.10
CA MET C 142 2.14 -2.02 -7.59
C MET C 142 2.56 -3.40 -8.05
N PRO C 143 3.36 -3.50 -9.12
CA PRO C 143 3.37 -4.73 -9.96
C PRO C 143 4.00 -5.91 -9.24
N PHE C 144 3.25 -7.01 -9.18
CA PHE C 144 3.71 -8.17 -8.44
C PHE C 144 4.82 -8.88 -9.20
N GLN C 145 5.73 -9.51 -8.45
CA GLN C 145 6.82 -10.23 -9.07
C GLN C 145 6.34 -11.53 -9.71
N SER C 146 6.90 -11.83 -10.88
CA SER C 146 6.72 -13.14 -11.48
C SER C 146 7.58 -14.12 -10.70
N LEU C 147 6.98 -14.80 -9.73
CA LEU C 147 7.75 -15.75 -8.93
C LEU C 147 8.12 -17.00 -9.72
N GLY C 148 7.25 -17.44 -10.61
CA GLY C 148 7.48 -18.65 -11.36
C GLY C 148 6.66 -19.81 -10.84
N THR C 149 6.71 -20.90 -11.60
CA THR C 149 5.89 -22.06 -11.30
C THR C 149 6.37 -22.81 -10.06
N TYR C 150 7.60 -22.58 -9.63
CA TYR C 150 8.14 -23.29 -8.46
C TYR C 150 7.49 -22.81 -7.18
N TYR C 151 7.68 -21.53 -6.86
CA TYR C 151 7.09 -20.97 -5.65
C TYR C 151 5.58 -20.83 -5.82
N ARG C 152 4.83 -21.25 -4.82
CA ARG C 152 3.40 -20.99 -4.79
C ARG C 152 3.16 -19.50 -4.65
N PRO C 153 2.32 -18.90 -5.49
CA PRO C 153 2.16 -17.44 -5.47
C PRO C 153 1.41 -16.99 -4.22
N PRO C 154 2.03 -16.15 -3.41
CA PRO C 154 1.39 -15.72 -2.17
C PRO C 154 0.26 -14.75 -2.45
N ASN C 155 -0.58 -14.58 -1.44
CA ASN C 155 -1.73 -13.70 -1.52
C ASN C 155 -1.23 -12.29 -1.19
N TRP C 156 -0.96 -11.50 -2.22
CA TRP C 156 -0.38 -10.17 -2.03
C TRP C 156 -1.44 -9.26 -1.41
N THR C 157 -1.25 -8.87 -0.16
CA THR C 157 -2.26 -8.08 0.53
C THR C 157 -1.84 -6.65 0.80
N TRP C 158 -0.60 -6.27 0.51
CA TRP C 158 -0.15 -4.93 0.85
C TRP C 158 1.12 -4.61 0.06
N GLY C 159 1.31 -3.33 -0.23
CA GLY C 159 2.49 -2.86 -0.92
C GLY C 159 2.81 -1.44 -0.52
N PRO C 160 4.07 -1.15 -0.24
CA PRO C 160 4.42 0.13 0.41
C PRO C 160 4.30 1.37 -0.46
N ASN C 161 3.86 1.27 -1.71
CA ASN C 161 3.61 2.44 -2.55
C ASN C 161 2.13 2.75 -2.64
N PHE C 162 1.42 2.61 -1.53
CA PHE C 162 0.00 2.91 -1.41
C PHE C 162 -0.27 4.41 -1.52
N ILE C 163 -1.55 4.76 -1.48
CA ILE C 163 -1.99 6.10 -1.12
C ILE C 163 -2.88 5.96 0.09
N ASN C 164 -2.50 6.58 1.19
CA ASN C 164 -3.53 6.79 2.19
C ASN C 164 -4.22 8.06 1.75
N PRO C 165 -5.46 8.00 1.26
CA PRO C 165 -6.04 9.18 0.60
C PRO C 165 -6.39 10.30 1.54
N TYR C 166 -6.49 10.03 2.83
CA TYR C 166 -6.78 11.05 3.82
C TYR C 166 -5.52 11.76 4.31
N GLN C 167 -4.35 11.34 3.84
CA GLN C 167 -3.09 11.90 4.31
C GLN C 167 -2.26 12.50 3.19
N VAL C 168 -2.89 12.87 2.06
CA VAL C 168 -2.11 13.36 0.93
C VAL C 168 -1.67 14.79 1.12
N THR C 169 -2.22 15.49 2.10
CA THR C 169 -1.79 16.85 2.38
C THR C 169 -0.49 16.93 3.16
N VAL C 170 0.18 15.80 3.44
CA VAL C 170 1.52 15.89 4.00
C VAL C 170 2.53 16.26 2.92
N PHE C 171 2.22 16.01 1.66
CA PHE C 171 3.14 16.29 0.56
C PHE C 171 3.16 17.78 0.28
N PRO C 172 4.10 18.27 -0.57
CA PRO C 172 3.99 19.64 -1.05
C PRO C 172 2.72 19.86 -1.84
N HIS C 173 1.79 20.64 -1.30
CA HIS C 173 0.44 20.64 -1.81
C HIS C 173 -0.14 22.04 -1.72
N GLN C 174 -1.07 22.34 -2.61
CA GLN C 174 -1.96 23.48 -2.47
C GLN C 174 -3.35 23.06 -2.91
N ILE C 175 -4.35 23.43 -2.12
CA ILE C 175 -5.73 23.02 -2.38
C ILE C 175 -6.34 24.01 -3.36
N LEU C 176 -6.81 23.50 -4.50
CA LEU C 176 -7.38 24.34 -5.53
C LEU C 176 -8.86 24.51 -5.20
N ASN C 177 -9.12 25.43 -4.28
CA ASN C 177 -10.47 25.63 -3.76
C ASN C 177 -11.31 26.37 -4.81
N ALA C 178 -12.62 26.39 -4.59
CA ALA C 178 -13.49 27.11 -5.50
C ALA C 178 -13.52 28.60 -5.23
N ARG C 179 -13.06 29.04 -4.06
CA ARG C 179 -13.22 30.43 -3.67
C ARG C 179 -12.01 31.02 -2.96
N THR C 180 -10.83 30.43 -3.12
CA THR C 180 -9.59 31.08 -2.69
C THR C 180 -8.66 31.34 -3.86
N SER C 181 -8.43 30.33 -4.70
CA SER C 181 -7.53 30.46 -5.83
C SER C 181 -8.10 29.70 -7.01
N THR C 182 -7.47 29.90 -8.17
CA THR C 182 -7.79 29.15 -9.37
C THR C 182 -6.62 28.34 -9.88
N SER C 183 -5.42 28.52 -9.34
CA SER C 183 -4.24 27.82 -9.80
C SER C 183 -3.30 27.63 -8.62
N VAL C 184 -2.51 26.56 -8.69
CA VAL C 184 -1.54 26.24 -7.65
C VAL C 184 -0.14 26.53 -8.19
N ASP C 185 0.84 26.52 -7.29
CA ASP C 185 2.22 26.84 -7.62
C ASP C 185 3.11 26.03 -6.68
N ILE C 186 3.60 24.89 -7.17
CA ILE C 186 4.44 24.00 -6.37
C ILE C 186 5.81 23.94 -7.02
N ASN C 187 6.86 24.04 -6.20
CA ASN C 187 8.24 24.00 -6.66
C ASN C 187 8.98 23.05 -5.74
N VAL C 188 9.50 21.96 -6.30
CA VAL C 188 10.12 20.91 -5.49
C VAL C 188 11.57 20.72 -5.90
N PRO C 189 12.45 20.32 -4.98
CA PRO C 189 13.84 20.03 -5.36
C PRO C 189 14.04 18.59 -5.75
N TYR C 190 15.28 18.20 -6.04
CA TYR C 190 15.58 16.81 -6.35
C TYR C 190 15.61 15.97 -5.09
N ILE C 191 15.03 14.78 -5.19
CA ILE C 191 15.18 13.73 -4.18
C ILE C 191 15.53 12.44 -4.90
N GLY C 192 16.01 11.47 -4.13
CA GLY C 192 16.29 10.18 -4.71
C GLY C 192 17.19 9.35 -3.82
N GLU C 193 17.12 8.04 -4.04
CA GLU C 193 17.96 7.11 -3.27
C GLU C 193 19.44 7.25 -3.60
N THR C 194 19.77 7.78 -4.76
CA THR C 194 21.12 8.05 -5.21
C THR C 194 21.27 9.56 -5.42
N PRO C 195 22.49 10.09 -5.49
CA PRO C 195 22.63 11.51 -5.82
C PRO C 195 22.14 11.89 -7.20
N THR C 196 22.09 10.95 -8.13
CA THR C 196 21.33 11.12 -9.35
C THR C 196 20.82 9.76 -9.81
N GLN C 197 19.56 9.71 -10.19
CA GLN C 197 18.95 8.48 -10.65
C GLN C 197 19.11 8.37 -12.15
N SER C 198 18.40 7.42 -12.77
CA SER C 198 18.46 7.23 -14.21
C SER C 198 17.62 8.30 -14.91
N SER C 199 17.50 8.19 -16.22
CA SER C 199 16.69 9.12 -17.00
C SER C 199 15.42 8.47 -17.53
N GLU C 200 15.54 7.30 -18.15
CA GLU C 200 14.40 6.64 -18.76
C GLU C 200 13.50 5.99 -17.72
N THR C 201 14.02 5.68 -16.53
CA THR C 201 13.32 4.85 -15.55
C THR C 201 13.38 5.48 -14.15
N GLN C 202 13.04 6.76 -14.02
CA GLN C 202 12.91 7.35 -12.70
C GLN C 202 11.54 7.97 -12.53
N ASN C 203 11.06 7.95 -11.28
CA ASN C 203 9.75 8.47 -10.92
C ASN C 203 9.84 9.18 -9.57
N SER C 204 10.84 10.05 -9.42
CA SER C 204 11.13 10.64 -8.11
C SER C 204 10.02 11.54 -7.60
N TRP C 205 9.27 12.17 -8.50
CA TRP C 205 8.09 12.92 -8.12
C TRP C 205 6.91 12.45 -8.95
N THR C 206 5.73 12.93 -8.59
CA THR C 206 4.51 12.62 -9.32
C THR C 206 3.51 13.74 -9.06
N LEU C 207 3.15 14.47 -10.11
CA LEU C 207 2.06 15.42 -10.01
C LEU C 207 0.75 14.67 -9.79
N LEU C 208 -0.04 15.12 -8.83
CA LEU C 208 -1.18 14.36 -8.36
C LEU C 208 -2.34 15.32 -8.12
N VAL C 209 -3.40 15.20 -8.91
CA VAL C 209 -4.57 16.04 -8.79
C VAL C 209 -5.71 15.19 -8.26
N MET C 210 -6.06 15.39 -6.99
CA MET C 210 -7.04 14.56 -6.29
C MET C 210 -8.27 15.39 -5.94
N VAL C 211 -9.44 14.86 -6.23
CA VAL C 211 -10.70 15.54 -5.95
C VAL C 211 -11.09 15.29 -4.50
N LEU C 212 -11.03 16.35 -3.68
CA LEU C 212 -11.42 16.22 -2.28
C LEU C 212 -12.92 16.42 -2.09
N VAL C 213 -13.48 17.44 -2.72
CA VAL C 213 -14.91 17.71 -2.71
C VAL C 213 -15.40 17.58 -4.14
N PRO C 214 -16.45 16.79 -4.40
CA PRO C 214 -16.90 16.60 -5.78
C PRO C 214 -17.48 17.86 -6.36
N LEU C 215 -17.27 18.04 -7.67
CA LEU C 215 -17.71 19.24 -8.36
C LEU C 215 -19.22 19.31 -8.41
N ASP C 216 -19.78 20.46 -8.03
CA ASP C 216 -21.19 20.71 -8.19
C ASP C 216 -21.37 22.09 -8.78
N TYR C 217 -22.20 22.17 -9.82
CA TYR C 217 -22.55 23.43 -10.46
C TYR C 217 -24.02 23.37 -10.84
N LYS C 218 -24.67 24.52 -10.86
CA LYS C 218 -26.05 24.56 -11.33
C LYS C 218 -26.11 24.32 -12.83
N GLU C 219 -27.23 23.76 -13.27
CA GLU C 219 -27.43 23.49 -14.69
C GLU C 219 -27.61 24.80 -15.44
N GLY C 220 -26.99 24.90 -16.61
CA GLY C 220 -27.01 26.12 -17.41
C GLY C 220 -25.92 27.10 -17.03
N ALA C 221 -25.28 26.93 -15.89
CA ALA C 221 -24.17 27.77 -15.46
C ALA C 221 -22.88 27.30 -16.14
N THR C 222 -21.74 27.74 -15.62
CA THR C 222 -20.46 27.34 -16.20
C THR C 222 -20.19 25.86 -15.95
N THR C 223 -19.90 25.12 -17.01
CA THR C 223 -19.83 23.66 -16.96
C THR C 223 -18.41 23.15 -17.18
N ASP C 224 -18.04 22.13 -16.38
CA ASP C 224 -16.93 21.20 -16.58
C ASP C 224 -15.58 21.88 -16.80
N PRO C 225 -14.93 22.39 -15.76
CA PRO C 225 -13.68 23.13 -15.94
C PRO C 225 -12.55 22.22 -16.39
N GLU C 226 -11.73 22.73 -17.31
CA GLU C 226 -10.58 21.99 -17.78
C GLU C 226 -9.43 22.14 -16.81
N ILE C 227 -8.56 21.14 -16.79
CA ILE C 227 -7.36 21.15 -15.97
C ILE C 227 -6.16 21.12 -16.90
N THR C 228 -5.31 22.13 -16.78
CA THR C 228 -4.01 22.16 -17.44
C THR C 228 -2.92 22.05 -16.39
N PHE C 229 -1.69 21.87 -16.85
CA PHE C 229 -0.55 21.91 -15.95
C PHE C 229 0.66 22.36 -16.74
N SER C 230 1.74 22.70 -16.03
CA SER C 230 2.92 23.26 -16.66
C SER C 230 4.15 22.81 -15.88
N VAL C 231 4.81 21.79 -16.37
CA VAL C 231 5.99 21.24 -15.71
C VAL C 231 7.22 21.92 -16.28
N ARG C 232 8.21 22.19 -15.41
CA ARG C 232 9.41 22.90 -15.79
C ARG C 232 10.54 22.52 -14.86
N PRO C 233 11.59 21.85 -15.35
CA PRO C 233 12.66 21.40 -14.47
C PRO C 233 13.59 22.53 -14.05
N THR C 234 13.91 22.57 -12.77
CA THR C 234 14.74 23.61 -12.19
C THR C 234 16.11 23.03 -11.85
N SER C 235 17.15 23.58 -12.47
CA SER C 235 18.55 23.18 -12.36
C SER C 235 18.77 21.69 -12.60
N PRO C 236 18.68 21.20 -13.84
CA PRO C 236 19.01 19.80 -14.09
C PRO C 236 20.51 19.61 -14.22
N TYR C 237 20.94 18.37 -14.00
CA TYR C 237 22.35 18.00 -14.08
C TYR C 237 22.43 16.66 -14.80
N PHE C 238 22.57 16.72 -16.12
CA PHE C 238 22.63 15.53 -16.95
C PHE C 238 24.04 14.94 -16.92
N ASN C 239 24.15 13.66 -16.57
CA ASN C 239 25.42 12.96 -16.61
C ASN C 239 25.35 11.79 -17.57
N GLY C 240 26.51 11.33 -18.01
CA GLY C 240 26.59 10.18 -18.87
C GLY C 240 26.08 10.41 -20.27
N LEU C 241 26.81 11.20 -21.06
CA LEU C 241 26.42 11.51 -22.43
C LEU C 241 26.53 10.27 -23.31
N ARG C 242 25.45 9.95 -24.02
CA ARG C 242 25.46 8.89 -25.01
C ARG C 242 24.42 9.22 -26.06
N ASN C 243 24.26 8.33 -27.05
CA ASN C 243 23.32 8.57 -28.13
C ASN C 243 21.88 8.35 -27.67
N ARG C 244 20.95 8.45 -28.61
CA ARG C 244 19.54 8.47 -28.27
C ARG C 244 19.08 7.08 -27.84
N TYR C 245 18.21 7.05 -26.83
CA TYR C 245 17.82 5.80 -26.19
C TYR C 245 16.99 4.93 -27.13
N THR C 246 17.25 3.63 -27.08
CA THR C 246 16.58 2.69 -27.98
C THR C 246 15.51 1.89 -27.23
N SER D 1 -23.06 -41.45 -16.50
CA SER D 1 -23.08 -42.74 -15.80
C SER D 1 -24.40 -43.46 -16.01
N MET D 2 -24.44 -44.74 -15.62
CA MET D 2 -25.68 -45.50 -15.71
C MET D 2 -26.67 -45.08 -14.63
N ALA D 3 -26.25 -45.11 -13.37
CA ALA D 3 -27.10 -44.65 -12.29
C ALA D 3 -27.17 -43.13 -12.28
N CYS D 4 -28.33 -42.60 -11.90
CA CYS D 4 -28.54 -41.16 -11.87
C CYS D 4 -27.86 -40.56 -10.64
N TYR D 5 -27.53 -39.28 -10.75
CA TYR D 5 -26.82 -38.58 -9.69
C TYR D 5 -27.76 -38.30 -8.52
N GLY D 6 -27.46 -38.88 -7.36
CA GLY D 6 -28.31 -38.69 -6.20
C GLY D 6 -28.30 -37.26 -5.67
N GLY D 7 -27.15 -36.61 -5.77
CA GLY D 7 -27.07 -35.19 -5.46
C GLY D 7 -26.43 -34.45 -6.62
N PHE D 8 -26.96 -33.26 -6.89
CA PHE D 8 -26.43 -32.42 -7.96
C PHE D 8 -25.92 -31.12 -7.38
N ASP D 9 -24.78 -30.67 -7.90
CA ASP D 9 -24.09 -29.49 -7.38
C ASP D 9 -23.76 -28.54 -8.52
N LEU D 10 -23.37 -27.32 -8.13
CA LEU D 10 -23.11 -26.25 -9.10
C LEU D 10 -22.22 -25.22 -8.42
N TYR D 11 -21.08 -24.92 -9.02
CA TYR D 11 -20.07 -24.06 -8.41
C TYR D 11 -19.88 -22.80 -9.25
N PHE D 12 -20.24 -21.65 -8.68
CA PHE D 12 -20.00 -20.37 -9.32
C PHE D 12 -18.67 -19.83 -8.83
N ILE D 13 -17.66 -19.87 -9.68
CA ILE D 13 -16.32 -19.40 -9.34
C ILE D 13 -16.10 -18.11 -10.12
N LEU D 14 -16.21 -16.98 -9.43
CA LEU D 14 -16.37 -15.68 -10.04
C LEU D 14 -15.12 -14.84 -9.86
N ASP D 15 -14.63 -14.26 -10.95
CA ASP D 15 -13.51 -13.34 -10.85
C ASP D 15 -13.99 -12.00 -10.34
N LYS D 16 -13.28 -11.45 -9.36
CA LYS D 16 -13.55 -10.11 -8.85
C LYS D 16 -12.31 -9.23 -8.93
N SER D 17 -11.50 -9.42 -9.96
CA SER D 17 -10.24 -8.72 -10.10
C SER D 17 -10.47 -7.28 -10.56
N GLY D 18 -9.37 -6.55 -10.74
CA GLY D 18 -9.42 -5.25 -11.35
C GLY D 18 -9.64 -5.25 -12.84
N SER D 19 -9.63 -6.41 -13.48
CA SER D 19 -9.92 -6.53 -14.89
C SER D 19 -11.40 -6.71 -15.18
N VAL D 20 -12.20 -7.11 -14.19
CA VAL D 20 -13.65 -7.20 -14.34
C VAL D 20 -14.27 -5.98 -13.66
N LEU D 21 -13.50 -4.90 -13.56
CA LEU D 21 -13.88 -3.72 -12.78
C LEU D 21 -15.10 -3.02 -13.38
N HIS D 22 -15.32 -3.14 -14.69
CA HIS D 22 -16.47 -2.56 -15.33
C HIS D 22 -17.49 -3.60 -15.77
N HIS D 23 -17.28 -4.88 -15.45
CA HIS D 23 -18.15 -5.94 -15.96
C HIS D 23 -18.66 -6.84 -14.84
N TRP D 24 -18.58 -6.39 -13.59
CA TRP D 24 -19.11 -7.20 -12.49
C TRP D 24 -20.63 -7.25 -12.52
N ASN D 25 -21.28 -6.17 -12.94
CA ASN D 25 -22.73 -6.15 -13.03
C ASN D 25 -23.22 -7.10 -14.13
N GLU D 26 -22.42 -7.29 -15.17
CA GLU D 26 -22.73 -8.29 -16.18
C GLU D 26 -22.53 -9.70 -15.63
N ILE D 27 -21.56 -9.87 -14.73
CA ILE D 27 -21.34 -11.18 -14.12
C ILE D 27 -22.42 -11.50 -13.09
N TYR D 28 -22.76 -10.52 -12.24
CA TYR D 28 -23.80 -10.73 -11.23
C TYR D 28 -25.17 -10.94 -11.85
N TYR D 29 -25.43 -10.31 -12.99
CA TYR D 29 -26.68 -10.58 -13.70
C TYR D 29 -26.66 -11.98 -14.32
N PHE D 30 -25.47 -12.50 -14.63
CA PHE D 30 -25.37 -13.86 -15.13
C PHE D 30 -25.54 -14.90 -14.03
N VAL D 31 -25.13 -14.58 -12.80
CA VAL D 31 -25.26 -15.53 -11.70
C VAL D 31 -26.70 -15.57 -11.21
N GLU D 32 -27.33 -14.40 -11.06
CA GLU D 32 -28.72 -14.32 -10.61
C GLU D 32 -29.66 -14.98 -11.61
N GLN D 33 -29.37 -14.86 -12.89
CA GLN D 33 -30.21 -15.46 -13.92
C GLN D 33 -30.07 -16.98 -13.95
N LEU D 34 -28.97 -17.52 -13.41
CA LEU D 34 -28.86 -18.96 -13.18
C LEU D 34 -29.25 -19.37 -11.77
N ALA D 35 -29.36 -18.42 -10.84
CA ALA D 35 -29.76 -18.76 -9.48
C ALA D 35 -31.26 -18.66 -9.29
N HIS D 36 -31.88 -17.58 -9.78
CA HIS D 36 -33.32 -17.43 -9.67
C HIS D 36 -34.09 -18.24 -10.71
N LYS D 37 -33.41 -18.86 -11.67
CA LYS D 37 -34.08 -19.78 -12.58
C LYS D 37 -34.21 -21.16 -11.96
N PHE D 38 -33.07 -21.79 -11.64
CA PHE D 38 -33.05 -23.14 -11.10
C PHE D 38 -33.50 -23.09 -9.64
N ILE D 39 -34.83 -23.09 -9.46
CA ILE D 39 -35.45 -22.97 -8.14
C ILE D 39 -35.68 -24.35 -7.55
N SER D 40 -35.13 -25.38 -8.18
CA SER D 40 -35.32 -26.75 -7.70
C SER D 40 -34.52 -26.95 -6.42
N PRO D 41 -35.16 -27.41 -5.33
CA PRO D 41 -34.45 -27.55 -4.05
C PRO D 41 -33.47 -28.70 -3.99
N GLN D 42 -33.38 -29.53 -5.04
CA GLN D 42 -32.35 -30.56 -5.11
C GLN D 42 -30.99 -30.00 -5.47
N LEU D 43 -30.91 -28.75 -5.88
CA LEU D 43 -29.65 -28.12 -6.29
C LEU D 43 -28.97 -27.50 -5.09
N ARG D 44 -27.78 -28.00 -4.76
CA ARG D 44 -26.89 -27.37 -3.79
C ARG D 44 -25.86 -26.57 -4.58
N MET D 45 -25.91 -25.25 -4.45
CA MET D 45 -24.98 -24.39 -5.16
C MET D 45 -24.03 -23.71 -4.19
N SER D 46 -22.97 -23.13 -4.73
CA SER D 46 -21.98 -22.43 -3.93
C SER D 46 -21.42 -21.26 -4.73
N PHE D 47 -21.12 -20.18 -4.02
CA PHE D 47 -20.63 -18.94 -4.61
C PHE D 47 -19.18 -18.75 -4.18
N ILE D 48 -18.27 -18.82 -5.14
CA ILE D 48 -16.85 -18.70 -4.87
C ILE D 48 -16.33 -17.46 -5.61
N VAL D 49 -15.64 -16.60 -4.90
CA VAL D 49 -15.01 -15.44 -5.52
C VAL D 49 -13.50 -15.56 -5.37
N PHE D 50 -12.79 -14.87 -6.26
CA PHE D 50 -11.33 -14.82 -6.16
C PHE D 50 -10.84 -13.50 -6.74
N SER D 51 -10.15 -12.72 -5.91
CA SER D 51 -9.18 -11.76 -6.42
C SER D 51 -7.80 -12.03 -5.87
N THR D 52 -7.64 -11.99 -4.57
CA THR D 52 -6.39 -12.32 -3.91
C THR D 52 -6.58 -13.47 -2.93
N ARG D 53 -7.66 -13.47 -2.18
CA ARG D 53 -8.04 -14.59 -1.34
C ARG D 53 -9.13 -15.35 -2.06
N GLY D 54 -8.85 -16.59 -2.44
CA GLY D 54 -9.90 -17.47 -2.92
C GLY D 54 -10.86 -17.72 -1.78
N THR D 55 -12.05 -17.15 -1.88
CA THR D 55 -12.99 -17.11 -0.77
C THR D 55 -14.29 -17.79 -1.17
N THR D 56 -14.75 -18.72 -0.33
CA THR D 56 -16.10 -19.24 -0.44
C THR D 56 -17.06 -18.18 0.09
N LEU D 57 -17.78 -17.51 -0.81
CA LEU D 57 -18.71 -16.47 -0.40
C LEU D 57 -20.03 -17.07 0.09
N MET D 58 -20.40 -18.23 -0.44
CA MET D 58 -21.53 -18.98 0.08
C MET D 58 -21.19 -20.46 0.04
N LYS D 59 -21.40 -21.14 1.16
CA LYS D 59 -21.09 -22.55 1.26
C LYS D 59 -22.05 -23.39 0.43
N LEU D 60 -21.80 -24.69 0.38
CA LEU D 60 -22.61 -25.59 -0.44
C LEU D 60 -23.95 -25.81 0.26
N THR D 61 -24.95 -25.01 -0.12
CA THR D 61 -26.26 -25.09 0.48
C THR D 61 -27.31 -25.10 -0.63
N GLU D 62 -28.53 -25.51 -0.28
CA GLU D 62 -29.61 -25.69 -1.23
C GLU D 62 -30.79 -24.76 -1.05
N ASP D 63 -31.05 -24.29 0.17
CA ASP D 63 -32.29 -23.58 0.45
C ASP D 63 -32.23 -22.16 -0.11
N ARG D 64 -33.34 -21.71 -0.68
CA ARG D 64 -33.37 -20.45 -1.41
C ARG D 64 -33.36 -19.22 -0.51
N GLU D 65 -33.46 -19.39 0.81
CA GLU D 65 -33.32 -18.24 1.70
C GLU D 65 -31.86 -17.85 1.87
N GLN D 66 -30.98 -18.84 2.09
CA GLN D 66 -29.55 -18.54 2.20
C GLN D 66 -28.95 -18.12 0.86
N ILE D 67 -29.51 -18.62 -0.25
CA ILE D 67 -29.00 -18.26 -1.56
C ILE D 67 -29.37 -16.82 -1.90
N ARG D 68 -30.58 -16.41 -1.55
CA ARG D 68 -30.98 -15.02 -1.73
C ARG D 68 -30.20 -14.09 -0.80
N GLN D 69 -29.85 -14.58 0.40
CA GLN D 69 -28.93 -13.83 1.25
C GLN D 69 -27.52 -13.82 0.67
N GLY D 70 -27.15 -14.88 -0.05
CA GLY D 70 -25.84 -14.91 -0.68
C GLY D 70 -25.75 -14.00 -1.89
N LEU D 71 -26.84 -13.85 -2.64
CA LEU D 71 -26.86 -12.93 -3.76
C LEU D 71 -26.92 -11.47 -3.31
N GLU D 72 -27.31 -11.22 -2.06
CA GLU D 72 -27.15 -9.88 -1.50
C GLU D 72 -25.68 -9.56 -1.23
N GLU D 73 -24.85 -10.58 -1.02
CA GLU D 73 -23.42 -10.36 -0.85
C GLU D 73 -22.74 -10.10 -2.18
N LEU D 74 -23.11 -10.84 -3.22
CA LEU D 74 -22.48 -10.70 -4.53
C LEU D 74 -22.80 -9.37 -5.19
N GLN D 75 -23.93 -8.75 -4.84
CA GLN D 75 -24.31 -7.49 -5.44
C GLN D 75 -23.46 -6.34 -4.94
N LYS D 76 -22.80 -6.49 -3.79
CA LYS D 76 -21.96 -5.45 -3.20
C LYS D 76 -20.48 -5.82 -3.20
N VAL D 77 -20.08 -6.79 -4.02
CA VAL D 77 -18.67 -7.13 -4.13
C VAL D 77 -18.00 -6.10 -5.03
N LEU D 78 -17.13 -5.29 -4.45
CA LEU D 78 -16.35 -4.35 -5.24
C LEU D 78 -15.20 -5.09 -5.90
N PRO D 79 -15.06 -4.99 -7.23
CA PRO D 79 -13.92 -5.62 -7.90
C PRO D 79 -12.62 -4.91 -7.55
N GLY D 80 -11.59 -5.70 -7.28
CA GLY D 80 -10.28 -5.15 -7.03
C GLY D 80 -9.27 -6.19 -6.59
N GLY D 81 -8.06 -6.12 -7.16
CA GLY D 81 -7.00 -7.03 -6.79
C GLY D 81 -6.40 -7.79 -7.95
N ASP D 82 -5.74 -8.90 -7.66
CA ASP D 82 -5.12 -9.74 -8.67
C ASP D 82 -6.12 -10.77 -9.17
N THR D 83 -5.64 -11.78 -9.88
CA THR D 83 -6.49 -12.86 -10.39
C THR D 83 -5.86 -14.18 -9.99
N TYR D 84 -6.33 -14.77 -8.89
CA TYR D 84 -5.87 -16.08 -8.46
C TYR D 84 -6.97 -17.09 -8.75
N MET D 85 -6.99 -17.56 -10.00
CA MET D 85 -8.00 -18.54 -10.38
C MET D 85 -7.66 -19.93 -9.86
N HIS D 86 -6.43 -20.15 -9.39
CA HIS D 86 -6.12 -21.41 -8.72
C HIS D 86 -6.68 -21.47 -7.31
N GLU D 87 -6.93 -20.32 -6.68
CA GLU D 87 -7.56 -20.34 -5.37
C GLU D 87 -9.08 -20.26 -5.44
N GLY D 88 -9.64 -19.93 -6.60
CA GLY D 88 -11.05 -20.19 -6.81
C GLY D 88 -11.35 -21.66 -7.01
N PHE D 89 -10.36 -22.42 -7.44
CA PHE D 89 -10.51 -23.86 -7.64
C PHE D 89 -10.18 -24.66 -6.41
N GLU D 90 -9.39 -24.11 -5.48
CA GLU D 90 -9.16 -24.81 -4.22
C GLU D 90 -10.38 -24.76 -3.32
N ARG D 91 -11.18 -23.70 -3.43
CA ARG D 91 -12.43 -23.67 -2.67
C ARG D 91 -13.45 -24.63 -3.23
N ALA D 92 -13.37 -24.95 -4.51
CA ALA D 92 -14.21 -26.01 -5.06
C ALA D 92 -13.68 -27.38 -4.66
N SER D 93 -12.37 -27.57 -4.74
CA SER D 93 -11.78 -28.89 -4.47
C SER D 93 -11.77 -29.23 -2.99
N GLU D 94 -11.87 -28.24 -2.11
CA GLU D 94 -12.07 -28.54 -0.69
C GLU D 94 -13.53 -28.75 -0.33
N GLN D 95 -14.43 -28.67 -1.32
CA GLN D 95 -15.83 -29.01 -1.13
C GLN D 95 -16.24 -30.28 -1.87
N ILE D 96 -15.57 -30.59 -2.97
CA ILE D 96 -15.81 -31.87 -3.64
C ILE D 96 -15.23 -33.01 -2.81
N TYR D 97 -14.04 -32.80 -2.25
CA TYR D 97 -13.43 -33.80 -1.38
C TYR D 97 -14.19 -33.95 -0.07
N TYR D 98 -14.80 -32.87 0.41
CA TYR D 98 -15.63 -32.96 1.60
C TYR D 98 -16.96 -33.66 1.32
N GLU D 99 -17.43 -33.63 0.08
CA GLU D 99 -18.69 -34.27 -0.28
C GLU D 99 -18.50 -35.57 -1.05
N ASN D 100 -17.27 -36.04 -1.21
CA ASN D 100 -17.02 -37.40 -1.67
C ASN D 100 -16.86 -38.37 -0.53
N ARG D 101 -17.17 -37.95 0.70
CA ARG D 101 -17.07 -38.82 1.88
C ARG D 101 -18.44 -39.29 2.34
N GLN D 102 -19.37 -39.51 1.41
CA GLN D 102 -20.71 -39.98 1.75
C GLN D 102 -21.01 -41.34 1.16
N GLY D 103 -20.86 -41.50 -0.15
CA GLY D 103 -21.18 -42.76 -0.80
C GLY D 103 -21.95 -42.58 -2.09
N TYR D 104 -22.58 -41.41 -2.25
CA TYR D 104 -23.30 -41.10 -3.47
C TYR D 104 -22.32 -40.86 -4.62
N ARG D 105 -22.84 -41.01 -5.84
CA ARG D 105 -22.15 -40.53 -7.04
C ARG D 105 -22.82 -39.22 -7.43
N THR D 106 -22.20 -38.11 -7.02
CA THR D 106 -22.74 -36.79 -7.27
C THR D 106 -22.08 -36.19 -8.52
N ALA D 107 -22.48 -34.97 -8.85
CA ALA D 107 -21.94 -34.27 -10.00
C ALA D 107 -21.70 -32.82 -9.63
N SER D 108 -20.49 -32.34 -9.87
CA SER D 108 -20.12 -30.97 -9.57
C SER D 108 -19.86 -30.24 -10.88
N VAL D 109 -20.45 -29.06 -11.03
CA VAL D 109 -20.36 -28.26 -12.24
C VAL D 109 -19.66 -26.95 -11.89
N ILE D 110 -18.61 -26.61 -12.64
CA ILE D 110 -17.74 -25.49 -12.33
C ILE D 110 -17.93 -24.42 -13.39
N ILE D 111 -18.18 -23.19 -12.94
CA ILE D 111 -18.37 -22.03 -13.82
C ILE D 111 -17.31 -21.00 -13.47
N ALA D 112 -16.35 -20.80 -14.38
CA ALA D 112 -15.23 -19.90 -14.16
C ALA D 112 -15.28 -18.73 -15.14
N LEU D 113 -14.80 -17.58 -14.68
CA LEU D 113 -14.93 -16.31 -15.40
C LEU D 113 -13.60 -15.56 -15.39
N THR D 114 -13.34 -14.82 -16.47
CA THR D 114 -12.21 -13.89 -16.55
C THR D 114 -12.41 -12.90 -17.71
N ASP D 115 -12.14 -11.62 -17.44
CA ASP D 115 -11.99 -10.61 -18.49
C ASP D 115 -10.55 -10.51 -18.96
N GLY D 116 -9.67 -10.09 -18.05
CA GLY D 116 -8.25 -10.05 -18.33
C GLY D 116 -7.63 -11.33 -17.82
N GLU D 117 -6.92 -12.02 -18.70
CA GLU D 117 -6.45 -13.35 -18.36
C GLU D 117 -5.21 -13.26 -17.47
N LEU D 118 -4.72 -14.43 -17.08
CA LEU D 118 -3.81 -14.53 -15.96
C LEU D 118 -2.36 -14.39 -16.43
N HIS D 119 -1.47 -14.23 -15.45
CA HIS D 119 -0.04 -14.22 -15.71
C HIS D 119 0.42 -15.66 -16.01
N GLU D 120 1.68 -15.79 -16.42
CA GLU D 120 2.20 -17.06 -16.90
C GLU D 120 2.25 -18.12 -15.81
N ASP D 121 2.64 -17.74 -14.59
CA ASP D 121 2.68 -18.70 -13.49
C ASP D 121 1.39 -18.76 -12.69
N LEU D 122 0.52 -17.74 -12.81
CA LEU D 122 -0.80 -17.86 -12.23
C LEU D 122 -1.66 -18.82 -13.03
N PHE D 123 -1.41 -18.89 -14.34
CA PHE D 123 -2.12 -19.83 -15.20
C PHE D 123 -1.67 -21.26 -14.95
N PHE D 124 -0.43 -21.45 -14.51
CA PHE D 124 0.08 -22.80 -14.31
C PHE D 124 -0.56 -23.48 -13.12
N TYR D 125 -0.68 -22.77 -11.99
CA TYR D 125 -1.38 -23.33 -10.84
C TYR D 125 -2.87 -23.45 -11.11
N SER D 126 -3.44 -22.56 -11.93
CA SER D 126 -4.84 -22.68 -12.28
C SER D 126 -5.08 -23.86 -13.21
N GLU D 127 -4.10 -24.20 -14.05
CA GLU D 127 -4.19 -25.43 -14.81
C GLU D 127 -4.04 -26.64 -13.91
N ARG D 128 -3.18 -26.54 -12.89
CA ARG D 128 -2.99 -27.65 -11.95
C ARG D 128 -4.21 -27.84 -11.06
N GLU D 129 -4.79 -26.75 -10.56
CA GLU D 129 -5.94 -26.89 -9.67
C GLU D 129 -7.22 -27.23 -10.42
N ALA D 130 -7.30 -26.91 -11.72
CA ALA D 130 -8.42 -27.43 -12.51
C ALA D 130 -8.25 -28.91 -12.77
N ASN D 131 -7.01 -29.38 -12.92
CA ASN D 131 -6.76 -30.81 -12.96
C ASN D 131 -7.03 -31.45 -11.61
N ARG D 132 -6.80 -30.72 -10.52
CA ARG D 132 -7.16 -31.20 -9.20
C ARG D 132 -8.68 -31.32 -9.07
N SER D 133 -9.42 -30.39 -9.69
CA SER D 133 -10.87 -30.44 -9.62
C SER D 133 -11.45 -31.48 -10.57
N ARG D 134 -10.79 -31.75 -11.69
CA ARG D 134 -11.27 -32.76 -12.62
C ARG D 134 -11.03 -34.17 -12.10
N ASP D 135 -9.91 -34.40 -11.39
CA ASP D 135 -9.63 -35.72 -10.84
C ASP D 135 -10.56 -36.08 -9.70
N LEU D 136 -11.13 -35.08 -9.02
CA LEU D 136 -12.10 -35.32 -7.97
C LEU D 136 -13.51 -35.54 -8.50
N GLY D 137 -13.71 -35.48 -9.83
CA GLY D 137 -15.00 -35.78 -10.41
C GLY D 137 -15.89 -34.57 -10.61
N ALA D 138 -15.40 -33.56 -11.33
CA ALA D 138 -16.17 -32.38 -11.65
C ALA D 138 -16.05 -32.07 -13.13
N ILE D 139 -16.93 -31.20 -13.61
CA ILE D 139 -16.95 -30.75 -14.99
C ILE D 139 -16.77 -29.25 -15.00
N VAL D 140 -15.85 -28.75 -15.81
CA VAL D 140 -15.40 -27.36 -15.76
C VAL D 140 -15.91 -26.63 -17.00
N TYR D 141 -16.57 -25.49 -16.79
CA TYR D 141 -17.07 -24.64 -17.86
C TYR D 141 -16.48 -23.25 -17.68
N ALA D 142 -15.59 -22.85 -18.59
CA ALA D 142 -14.94 -21.55 -18.50
C ALA D 142 -15.78 -20.54 -19.28
N VAL D 143 -16.66 -19.84 -18.58
CA VAL D 143 -17.51 -18.84 -19.21
C VAL D 143 -16.69 -17.58 -19.43
N GLY D 144 -16.70 -17.07 -20.66
CA GLY D 144 -15.88 -15.92 -20.97
C GLY D 144 -16.62 -14.59 -21.01
N VAL D 145 -16.40 -13.75 -20.02
CA VAL D 145 -16.72 -12.34 -20.13
C VAL D 145 -15.66 -11.67 -20.98
N LYS D 146 -15.87 -10.39 -21.33
CA LYS D 146 -15.31 -9.72 -22.49
C LYS D 146 -13.79 -9.74 -22.65
N ASP D 147 -13.33 -9.34 -23.83
CA ASP D 147 -12.29 -10.02 -24.64
C ASP D 147 -11.18 -10.78 -23.90
N PHE D 148 -11.02 -12.03 -24.33
CA PHE D 148 -10.14 -13.01 -23.70
C PHE D 148 -9.49 -13.82 -24.81
N ASN D 149 -8.87 -14.95 -24.44
CA ASN D 149 -8.30 -15.88 -25.40
C ASN D 149 -9.01 -17.22 -25.25
N GLU D 150 -9.55 -17.72 -26.37
CA GLU D 150 -10.25 -19.00 -26.38
C GLU D 150 -9.32 -20.17 -26.08
N THR D 151 -8.05 -20.04 -26.48
CA THR D 151 -7.09 -21.12 -26.26
C THR D 151 -6.71 -21.25 -24.79
N GLN D 152 -6.60 -20.11 -24.09
CA GLN D 152 -6.15 -20.12 -22.71
C GLN D 152 -7.19 -20.72 -21.77
N LEU D 153 -8.47 -20.41 -21.97
CA LEU D 153 -9.50 -21.02 -21.16
C LEU D 153 -9.79 -22.47 -21.55
N ALA D 154 -9.26 -22.94 -22.68
CA ALA D 154 -9.46 -24.33 -23.06
C ALA D 154 -8.63 -25.28 -22.22
N ARG D 155 -7.49 -24.81 -21.69
CA ARG D 155 -6.71 -25.64 -20.78
C ARG D 155 -7.40 -25.79 -19.44
N ILE D 156 -8.17 -24.79 -19.03
CA ILE D 156 -8.86 -24.83 -17.75
C ILE D 156 -10.06 -25.77 -17.83
N ALA D 157 -10.88 -25.61 -18.88
CA ALA D 157 -12.06 -26.44 -19.04
C ALA D 157 -11.67 -27.82 -19.56
N ASP D 158 -12.68 -28.64 -19.85
CA ASP D 158 -12.43 -29.99 -20.35
C ASP D 158 -11.91 -29.95 -21.78
N SER D 159 -12.46 -29.07 -22.61
CA SER D 159 -12.04 -28.91 -23.99
C SER D 159 -12.39 -27.48 -24.42
N LYS D 160 -12.19 -27.19 -25.70
CA LYS D 160 -12.54 -25.87 -26.20
C LYS D 160 -14.04 -25.68 -26.37
N ASP D 161 -14.81 -26.77 -26.46
CA ASP D 161 -16.25 -26.65 -26.59
C ASP D 161 -16.92 -26.20 -25.30
N HIS D 162 -16.28 -26.43 -24.16
CA HIS D 162 -16.85 -26.05 -22.86
C HIS D 162 -16.68 -24.57 -22.56
N VAL D 163 -15.88 -23.85 -23.34
CA VAL D 163 -15.68 -22.42 -23.14
C VAL D 163 -16.74 -21.66 -23.94
N PHE D 164 -17.46 -20.76 -23.26
CA PHE D 164 -18.51 -20.00 -23.90
C PHE D 164 -18.33 -18.52 -23.62
N PRO D 165 -18.59 -17.65 -24.59
CA PRO D 165 -18.70 -16.22 -24.29
C PRO D 165 -19.97 -15.96 -23.50
N VAL D 166 -19.93 -14.89 -22.69
CA VAL D 166 -20.98 -14.68 -21.69
C VAL D 166 -22.29 -14.23 -22.35
N ASN D 167 -22.22 -13.62 -23.53
CA ASN D 167 -23.45 -13.27 -24.25
C ASN D 167 -24.10 -14.51 -24.83
N ASP D 168 -23.33 -15.56 -25.07
CA ASP D 168 -23.84 -16.88 -25.41
C ASP D 168 -23.90 -17.78 -24.17
N GLY D 169 -23.46 -17.27 -23.02
CA GLY D 169 -23.29 -18.12 -21.85
C GLY D 169 -24.61 -18.58 -21.25
N PHE D 170 -25.55 -17.65 -21.04
CA PHE D 170 -26.86 -18.06 -20.59
C PHE D 170 -27.65 -18.74 -21.69
N GLN D 171 -27.32 -18.47 -22.96
CA GLN D 171 -27.88 -19.26 -24.05
C GLN D 171 -27.38 -20.70 -24.00
N ALA D 172 -26.11 -20.88 -23.64
CA ALA D 172 -25.55 -22.22 -23.55
C ALA D 172 -25.99 -22.92 -22.27
N LEU D 173 -25.67 -22.33 -21.12
CA LEU D 173 -25.84 -23.00 -19.83
C LEU D 173 -27.29 -23.11 -19.37
N GLN D 174 -28.26 -22.59 -20.13
CA GLN D 174 -29.67 -22.84 -19.80
C GLN D 174 -30.01 -24.30 -20.00
N GLY D 175 -29.36 -24.97 -20.95
CA GLY D 175 -29.64 -26.37 -21.22
C GLY D 175 -28.49 -27.28 -20.84
N ILE D 176 -27.37 -26.72 -20.42
CA ILE D 176 -26.19 -27.51 -20.05
C ILE D 176 -26.25 -27.94 -18.59
N ILE D 177 -26.67 -27.05 -17.70
CA ILE D 177 -27.06 -27.47 -16.35
C ILE D 177 -28.27 -28.38 -16.44
N HIS D 178 -29.20 -28.06 -17.35
CA HIS D 178 -30.39 -28.87 -17.60
C HIS D 178 -30.06 -30.17 -18.34
N SER D 179 -28.87 -30.30 -18.92
CA SER D 179 -28.47 -31.55 -19.57
C SER D 179 -28.31 -32.67 -18.55
N ILE D 180 -27.72 -32.38 -17.39
CA ILE D 180 -27.61 -33.38 -16.36
C ILE D 180 -28.97 -33.60 -15.69
N LEU D 181 -29.78 -32.54 -15.63
CA LEU D 181 -31.10 -32.61 -14.98
C LEU D 181 -32.09 -33.47 -15.78
N LYS D 182 -31.87 -33.66 -17.07
CA LYS D 182 -32.64 -34.63 -17.83
C LYS D 182 -32.00 -36.02 -17.81
N LYS D 183 -30.84 -36.16 -17.16
CA LYS D 183 -30.24 -37.46 -16.94
C LYS D 183 -30.25 -37.85 -15.46
N SER D 184 -30.41 -36.89 -14.56
CA SER D 184 -30.37 -37.14 -13.13
C SER D 184 -31.67 -37.80 -12.66
N CYS D 185 -31.78 -37.96 -11.35
CA CYS D 185 -32.86 -38.73 -10.74
C CYS D 185 -34.19 -37.99 -10.78
MG MG E . -7.65 -9.34 -14.01
#